data_3ANM
#
_entry.id   3ANM
#
_cell.length_a   182.329
_cell.length_b   59.223
_cell.length_c   87.028
_cell.angle_alpha   90.00
_cell.angle_beta   90.00
_cell.angle_gamma   90.00
#
_symmetry.space_group_name_H-M   'P 21 21 2'
#
loop_
_entity.id
_entity.type
_entity.pdbx_description
1 polymer '1-deoxy-D-xylulose 5-phosphate reductoisomerase'
2 non-polymer '[(5-phenylpyridin-2-yl)methyl]phosphonic acid'
3 non-polymer 'NADPH DIHYDRO-NICOTINAMIDE-ADENINE-DINUCLEOTIDE PHOSPHATE'
4 water water
#
_entity_poly.entity_id   1
_entity_poly.type   'polypeptide(L)'
_entity_poly.pdbx_seq_one_letter_code
;MRGSHHHHHHGKQLTILGSTGSIGCSTLDVVRHNPEHFRVVALVAGKNVTRMVEQCLEFSPRYAVMDDEASAKLLKTMLQ
QQGSRTEVLSGQQAACDMAALEDVDQVMAAIVGAAGLLPTLAAIRAGKTILLANKESLVTCGRLFMDAVKQSKAQLLPVD
SEHNAIFQSLPQPIQHNLGYADLEQNGVVSILLTGSGGPFRETPLRDLATMTPDQACRHPNWSMGRKISVDSATMMNKGL
EYIEARWLFNASASQMEVLIHPQSVIHSMVRYQDGSVLAQLGEPDMRTPIAHTMAWPNRVNSGVKPLDFCKLSALTFAAP
DYDRYPCLKLAMEAFEQGQAATTALNAANEITVAAFLAQQIRFTDIAALNLSVLEKMDMREPQCVDDVLSVDANAREVAR
KEVMRLASSACDLGTPGRPA
;
_entity_poly.pdbx_strand_id   A,B
#
loop_
_chem_comp.id
_chem_comp.type
_chem_comp.name
_chem_comp.formula
NDP non-polymer 'NADPH DIHYDRO-NICOTINAMIDE-ADENINE-DINUCLEOTIDE PHOSPHATE' 'C21 H30 N7 O17 P3'
SYD non-polymer '[(5-phenylpyridin-2-yl)methyl]phosphonic acid' 'C12 H12 N O3 P'
#
# COMPACT_ATOMS: atom_id res chain seq x y z
N GLY A 11 -19.75 11.17 -16.97
CA GLY A 11 -19.19 12.56 -16.94
C GLY A 11 -19.41 13.19 -15.56
N LYS A 12 -18.32 13.41 -14.81
CA LYS A 12 -18.36 14.06 -13.50
C LYS A 12 -18.33 15.58 -13.65
N GLN A 13 -19.28 16.26 -13.03
CA GLN A 13 -19.37 17.71 -13.14
C GLN A 13 -18.60 18.32 -11.98
N LEU A 14 -17.71 19.26 -12.25
CA LEU A 14 -16.96 19.78 -11.14
C LEU A 14 -16.86 21.29 -11.00
N THR A 15 -16.73 21.72 -9.75
CA THR A 15 -16.32 23.08 -9.42
C THR A 15 -14.89 23.08 -8.91
N ILE A 16 -14.06 23.97 -9.45
CA ILE A 16 -12.68 24.16 -8.97
C ILE A 16 -12.56 25.48 -8.24
N LEU A 17 -12.40 25.37 -6.91
CA LEU A 17 -12.19 26.50 -6.03
C LEU A 17 -10.69 26.78 -5.97
N GLY A 18 -10.25 27.97 -6.44
CA GLY A 18 -8.84 28.29 -6.53
C GLY A 18 -8.25 27.66 -7.78
N SER A 19 -8.93 27.84 -8.92
CA SER A 19 -8.55 27.19 -10.17
C SER A 19 -7.22 27.70 -10.75
N THR A 20 -6.82 28.93 -10.39
CA THR A 20 -5.64 29.59 -10.98
C THR A 20 -4.36 29.28 -10.26
N GLY A 21 -4.44 28.65 -9.09
CA GLY A 21 -3.24 28.27 -8.35
C GLY A 21 -2.60 26.97 -8.79
N SER A 22 -1.59 26.55 -8.05
CA SER A 22 -0.86 25.32 -8.39
C SER A 22 -1.74 24.07 -8.43
N ILE A 23 -2.52 23.81 -7.38
CA ILE A 23 -3.41 22.63 -7.37
C ILE A 23 -4.50 22.77 -8.45
N GLY A 24 -5.02 23.99 -8.60
CA GLY A 24 -6.02 24.29 -9.62
C GLY A 24 -5.54 23.93 -11.02
N CYS A 25 -4.36 24.42 -11.38
CA CYS A 25 -3.77 24.08 -12.68
C CYS A 25 -3.52 22.61 -12.87
N SER A 26 -3.00 21.96 -11.82
CA SER A 26 -2.77 20.52 -11.88
C SER A 26 -4.05 19.75 -12.10
N THR A 27 -5.15 20.20 -11.50
CA THR A 27 -6.44 19.52 -11.64
C THR A 27 -7.02 19.64 -13.08
N LEU A 28 -6.81 20.80 -13.70
CA LEU A 28 -7.27 21.03 -15.07
C LEU A 28 -6.45 20.22 -16.06
N ASP A 29 -5.17 20.02 -15.76
CA ASP A 29 -4.37 19.05 -16.52
C ASP A 29 -4.93 17.63 -16.48
N VAL A 30 -5.45 17.22 -15.32
CA VAL A 30 -6.10 15.92 -15.24
C VAL A 30 -7.37 15.92 -16.09
N VAL A 31 -8.13 17.02 -16.04
CA VAL A 31 -9.34 17.15 -16.85
C VAL A 31 -8.97 17.08 -18.34
N ARG A 32 -7.94 17.84 -18.72
CA ARG A 32 -7.38 17.87 -20.09
C ARG A 32 -7.04 16.46 -20.62
N HIS A 33 -6.41 15.64 -19.77
CA HIS A 33 -6.13 14.23 -20.06
C HIS A 33 -7.36 13.32 -20.11
N ASN A 34 -8.48 13.76 -19.51
CA ASN A 34 -9.67 12.92 -19.45
C ASN A 34 -10.94 13.70 -19.79
N PRO A 35 -10.99 14.30 -21.00
CA PRO A 35 -12.08 15.26 -21.27
C PRO A 35 -13.44 14.59 -21.28
N GLU A 36 -13.47 13.28 -21.46
CA GLU A 36 -14.71 12.53 -21.49
C GLU A 36 -15.20 12.05 -20.13
N HIS A 37 -14.38 12.21 -19.10
CA HIS A 37 -14.77 11.79 -17.74
C HIS A 37 -15.19 12.94 -16.83
N PHE A 38 -14.76 14.14 -17.17
CA PHE A 38 -14.92 15.35 -16.32
C PHE A 38 -15.37 16.57 -17.11
N ARG A 39 -16.37 17.26 -16.60
CA ARG A 39 -16.85 18.50 -17.18
C ARG A 39 -16.66 19.61 -16.14
N VAL A 40 -15.95 20.67 -16.51
CA VAL A 40 -15.81 21.85 -15.64
C VAL A 40 -17.09 22.74 -15.73
N VAL A 41 -17.86 22.81 -14.64
CA VAL A 41 -19.07 23.64 -14.50
C VAL A 41 -18.69 25.04 -14.04
N ALA A 42 -17.75 25.15 -13.10
CA ALA A 42 -17.43 26.44 -12.47
C ALA A 42 -15.97 26.52 -12.06
N LEU A 43 -15.37 27.69 -12.28
CA LEU A 43 -14.02 28.01 -11.85
C LEU A 43 -14.10 29.19 -10.92
N VAL A 44 -13.34 29.13 -9.85
CA VAL A 44 -13.35 30.21 -8.86
C VAL A 44 -11.92 30.57 -8.56
N ALA A 45 -11.63 31.87 -8.48
CA ALA A 45 -10.30 32.32 -8.08
C ALA A 45 -10.35 33.71 -7.41
N GLY A 46 -9.18 34.32 -7.20
CA GLY A 46 -9.05 35.59 -6.50
C GLY A 46 -8.89 36.80 -7.43
N LYS A 47 -7.68 36.94 -8.00
CA LYS A 47 -7.27 38.11 -8.80
C LYS A 47 -6.58 37.76 -10.13
N ASN A 48 -6.20 36.49 -10.36
CA ASN A 48 -5.43 36.13 -11.56
C ASN A 48 -6.30 36.09 -12.78
N VAL A 49 -6.65 37.28 -13.26
CA VAL A 49 -7.52 37.41 -14.42
C VAL A 49 -6.92 36.74 -15.65
N THR A 50 -5.65 37.00 -15.92
CA THR A 50 -4.95 36.37 -17.07
C THR A 50 -5.10 34.83 -17.14
N ARG A 51 -4.69 34.14 -16.07
CA ARG A 51 -4.87 32.68 -16.00
C ARG A 51 -6.33 32.30 -16.18
N MET A 52 -7.21 33.01 -15.46
CA MET A 52 -8.63 32.70 -15.49
C MET A 52 -9.22 32.73 -16.90
N VAL A 53 -8.88 33.78 -17.67
CA VAL A 53 -9.28 33.90 -19.10
C VAL A 53 -8.95 32.65 -19.93
N GLU A 54 -7.70 32.22 -19.86
CA GLU A 54 -7.27 30.99 -20.56
C GLU A 54 -8.07 29.76 -20.17
N GLN A 55 -8.22 29.57 -18.86
CA GLN A 55 -8.95 28.39 -18.40
C GLN A 55 -10.39 28.42 -18.89
N CYS A 56 -11.02 29.60 -18.88
CA CYS A 56 -12.43 29.72 -19.34
C CYS A 56 -12.57 29.45 -20.85
N LEU A 57 -11.58 29.90 -21.62
CA LEU A 57 -11.57 29.65 -23.09
C LEU A 57 -11.40 28.18 -23.41
N GLU A 58 -10.57 27.51 -22.60
CA GLU A 58 -10.23 26.13 -22.84
C GLU A 58 -11.31 25.24 -22.29
N PHE A 59 -11.86 25.57 -21.12
CA PHE A 59 -12.77 24.61 -20.47
C PHE A 59 -14.27 24.94 -20.53
N SER A 60 -14.60 26.17 -20.95
CA SER A 60 -16.00 26.58 -21.19
C SER A 60 -16.90 26.34 -20.00
N PRO A 61 -16.51 26.85 -18.81
CA PRO A 61 -17.33 26.60 -17.63
C PRO A 61 -18.63 27.39 -17.74
N ARG A 62 -19.71 26.88 -17.16
CA ARG A 62 -20.93 27.67 -17.04
C ARG A 62 -20.63 29.00 -16.32
N TYR A 63 -19.83 28.94 -15.26
CA TYR A 63 -19.56 30.10 -14.40
C TYR A 63 -18.07 30.28 -14.13
N ALA A 64 -17.69 31.53 -13.91
CA ALA A 64 -16.39 31.86 -13.37
C ALA A 64 -16.59 32.92 -12.33
N VAL A 65 -15.98 32.74 -11.16
CA VAL A 65 -16.04 33.80 -10.17
C VAL A 65 -14.68 34.24 -9.74
N MET A 66 -14.53 35.55 -9.56
CA MET A 66 -13.32 36.10 -8.96
C MET A 66 -13.75 36.69 -7.64
N ASP A 67 -12.95 36.47 -6.60
CA ASP A 67 -13.28 37.03 -5.30
C ASP A 67 -13.22 38.57 -5.35
N ASP A 68 -12.22 39.06 -6.07
CA ASP A 68 -11.97 40.50 -6.24
C ASP A 68 -12.93 41.11 -7.29
N GLU A 69 -13.58 42.19 -6.89
CA GLU A 69 -14.60 42.83 -7.74
C GLU A 69 -14.08 43.44 -9.06
N ALA A 70 -12.96 44.14 -9.00
CA ALA A 70 -12.33 44.71 -10.20
C ALA A 70 -11.85 43.59 -11.14
N SER A 71 -11.31 42.52 -10.54
CA SER A 71 -10.89 41.35 -11.30
C SER A 71 -12.07 40.74 -12.03
N ALA A 72 -13.18 40.55 -11.33
CA ALA A 72 -14.41 40.02 -11.91
C ALA A 72 -14.89 40.89 -13.08
N LYS A 73 -14.83 42.21 -12.92
CA LYS A 73 -15.23 43.15 -14.00
C LYS A 73 -14.32 43.04 -15.24
N LEU A 74 -13.02 43.15 -15.04
CA LEU A 74 -12.03 42.90 -16.11
C LEU A 74 -12.31 41.57 -16.83
N LEU A 75 -12.51 40.48 -16.08
CA LEU A 75 -12.79 39.18 -16.64
C LEU A 75 -14.11 39.11 -17.45
N LYS A 76 -15.16 39.80 -16.97
CA LYS A 76 -16.48 39.76 -17.62
C LYS A 76 -16.41 40.18 -19.10
N THR A 77 -15.64 41.23 -19.34
CA THR A 77 -15.54 41.88 -20.66
C THR A 77 -14.70 41.10 -21.66
N MET A 78 -13.52 40.66 -21.19
CA MET A 78 -12.60 39.86 -21.97
C MET A 78 -13.30 38.62 -22.46
N LEU A 79 -14.07 37.97 -21.61
CA LEU A 79 -14.75 36.76 -22.04
C LEU A 79 -15.86 37.03 -23.06
N GLN A 80 -16.64 38.10 -22.83
CA GLN A 80 -17.65 38.58 -23.79
C GLN A 80 -16.99 38.91 -25.14
N GLN A 81 -15.90 39.67 -25.11
CA GLN A 81 -15.04 39.85 -26.29
C GLN A 81 -14.60 38.58 -27.04
N GLN A 82 -13.88 37.68 -26.36
CA GLN A 82 -13.34 36.47 -26.99
C GLN A 82 -14.46 35.49 -27.25
N GLY A 83 -15.69 36.00 -27.16
CA GLY A 83 -16.88 35.23 -27.44
C GLY A 83 -17.19 34.11 -26.50
N SER A 84 -16.61 34.17 -25.29
CA SER A 84 -16.94 33.19 -24.23
C SER A 84 -18.37 33.36 -23.73
N ARG A 85 -19.08 32.25 -23.56
CA ARG A 85 -20.42 32.21 -22.99
C ARG A 85 -20.42 32.03 -21.45
N THR A 86 -19.26 32.11 -20.82
CA THR A 86 -19.25 31.88 -19.38
C THR A 86 -19.70 33.12 -18.59
N GLU A 87 -20.52 32.88 -17.58
CA GLU A 87 -21.09 33.94 -16.80
C GLU A 87 -20.18 34.29 -15.62
N VAL A 88 -19.69 35.53 -15.62
CA VAL A 88 -18.77 36.01 -14.60
C VAL A 88 -19.47 36.63 -13.35
N LEU A 89 -19.21 36.05 -12.19
CA LEU A 89 -19.78 36.50 -10.94
C LEU A 89 -18.64 37.01 -10.04
N SER A 90 -18.96 37.60 -8.90
CA SER A 90 -17.93 38.14 -8.05
C SER A 90 -18.30 37.95 -6.58
N GLY A 91 -17.29 37.90 -5.73
CA GLY A 91 -17.48 37.88 -4.27
C GLY A 91 -17.57 36.49 -3.65
N GLN A 92 -17.55 36.45 -2.32
CA GLN A 92 -17.43 35.20 -1.58
C GLN A 92 -18.73 34.42 -1.66
N GLN A 93 -19.87 35.10 -1.55
CA GLN A 93 -21.16 34.38 -1.63
C GLN A 93 -21.31 33.62 -2.95
N ALA A 94 -20.90 34.24 -4.05
CA ALA A 94 -20.88 33.59 -5.38
C ALA A 94 -19.96 32.35 -5.39
N ALA A 95 -18.80 32.49 -4.76
CA ALA A 95 -17.86 31.39 -4.61
C ALA A 95 -18.47 30.22 -3.85
N CYS A 96 -19.21 30.51 -2.78
CA CYS A 96 -19.88 29.48 -2.00
C CYS A 96 -21.00 28.81 -2.78
N ASP A 97 -21.76 29.61 -3.56
CA ASP A 97 -22.84 29.07 -4.40
C ASP A 97 -22.32 28.10 -5.45
N MET A 98 -21.13 28.38 -6.00
CA MET A 98 -20.52 27.48 -7.00
C MET A 98 -20.25 26.12 -6.39
N ALA A 99 -19.85 26.14 -5.12
CA ALA A 99 -19.48 24.92 -4.40
C ALA A 99 -20.74 24.13 -4.07
N ALA A 100 -21.90 24.78 -4.20
CA ALA A 100 -23.15 24.16 -3.81
C ALA A 100 -24.08 23.90 -4.98
N LEU A 101 -23.63 24.14 -6.21
CA LEU A 101 -24.47 23.96 -7.41
C LEU A 101 -25.11 22.58 -7.46
N GLU A 102 -26.43 22.55 -7.68
CA GLU A 102 -27.16 21.29 -7.65
C GLU A 102 -26.53 20.19 -8.53
N ASP A 103 -26.11 20.54 -9.74
CA ASP A 103 -25.61 19.56 -10.73
C ASP A 103 -24.14 19.15 -10.51
N VAL A 104 -23.45 19.88 -9.64
CA VAL A 104 -22.02 19.60 -9.41
C VAL A 104 -21.85 18.31 -8.59
N ASP A 105 -20.94 17.44 -9.04
CA ASP A 105 -20.62 16.20 -8.33
C ASP A 105 -19.45 16.39 -7.35
N GLN A 106 -18.37 17.01 -7.80
CA GLN A 106 -17.14 17.12 -7.03
C GLN A 106 -16.75 18.55 -6.96
N VAL A 107 -16.19 18.94 -5.82
CA VAL A 107 -15.70 20.32 -5.66
C VAL A 107 -14.23 20.22 -5.26
N MET A 108 -13.37 20.72 -6.12
CA MET A 108 -11.95 20.80 -5.80
C MET A 108 -11.75 22.00 -4.88
N ALA A 109 -11.43 21.72 -3.62
CA ALA A 109 -11.25 22.76 -2.62
C ALA A 109 -9.79 23.17 -2.48
N ALA A 110 -9.37 24.11 -3.34
CA ALA A 110 -7.97 24.50 -3.44
C ALA A 110 -7.70 26.02 -3.24
N ILE A 111 -8.63 26.70 -2.56
CA ILE A 111 -8.33 28.08 -2.13
C ILE A 111 -7.30 28.03 -1.00
N VAL A 112 -6.33 28.95 -0.99
CA VAL A 112 -5.37 29.06 0.11
C VAL A 112 -5.96 29.94 1.26
N GLY A 113 -5.61 29.60 2.51
CA GLY A 113 -5.86 30.47 3.69
C GLY A 113 -7.28 30.39 4.23
N ALA A 114 -7.57 31.21 5.24
CA ALA A 114 -8.89 31.32 5.86
C ALA A 114 -9.98 31.55 4.80
N ALA A 115 -9.63 32.21 3.70
CA ALA A 115 -10.57 32.41 2.57
C ALA A 115 -11.15 31.10 1.99
N GLY A 116 -10.52 29.96 2.21
CA GLY A 116 -11.04 28.70 1.67
C GLY A 116 -12.15 28.09 2.55
N LEU A 117 -12.29 28.57 3.78
CA LEU A 117 -13.18 27.94 4.75
C LEU A 117 -14.66 27.94 4.34
N LEU A 118 -15.25 29.12 4.10
CA LEU A 118 -16.67 29.16 3.80
C LEU A 118 -17.01 28.50 2.47
N PRO A 119 -16.18 28.72 1.41
CA PRO A 119 -16.48 27.94 0.20
C PRO A 119 -16.38 26.41 0.36
N THR A 120 -15.40 25.92 1.12
CA THR A 120 -15.31 24.47 1.38
C THR A 120 -16.51 23.98 2.18
N LEU A 121 -16.83 24.70 3.26
CA LEU A 121 -18.00 24.43 4.06
C LEU A 121 -19.30 24.37 3.25
N ALA A 122 -19.45 25.27 2.27
CA ALA A 122 -20.62 25.31 1.43
C ALA A 122 -20.76 23.96 0.72
N ALA A 123 -19.66 23.44 0.17
CA ALA A 123 -19.64 22.12 -0.49
C ALA A 123 -20.03 20.97 0.44
N ILE A 124 -19.48 20.99 1.65
CA ILE A 124 -19.81 19.99 2.66
C ILE A 124 -21.29 20.03 3.03
N ARG A 125 -21.82 21.22 3.33
CA ARG A 125 -23.24 21.38 3.63
C ARG A 125 -24.16 20.90 2.48
N ALA A 126 -23.65 20.93 1.26
CA ALA A 126 -24.38 20.53 0.05
C ALA A 126 -24.21 19.02 -0.21
N GLY A 127 -23.46 18.31 0.63
CA GLY A 127 -23.28 16.87 0.53
C GLY A 127 -22.43 16.47 -0.66
N LYS A 128 -21.54 17.36 -1.10
CA LYS A 128 -20.80 17.12 -2.33
C LYS A 128 -19.65 16.18 -1.98
N THR A 129 -19.04 15.60 -2.99
CA THR A 129 -17.71 14.99 -2.84
C THR A 129 -16.69 16.16 -2.88
N ILE A 130 -15.89 16.25 -1.83
CA ILE A 130 -14.90 17.30 -1.72
C ILE A 130 -13.49 16.71 -1.86
N LEU A 131 -12.78 17.21 -2.85
CA LEU A 131 -11.38 16.92 -3.07
C LEU A 131 -10.64 17.97 -2.25
N LEU A 132 -10.24 17.59 -1.05
CA LEU A 132 -9.84 18.57 -0.07
C LEU A 132 -8.37 18.85 -0.19
N ALA A 133 -8.05 20.09 -0.53
CA ALA A 133 -6.67 20.58 -0.50
C ALA A 133 -6.42 21.63 0.60
N ASN A 134 -7.32 22.62 0.73
CA ASN A 134 -7.17 23.75 1.66
C ASN A 134 -6.76 23.24 3.08
N LYS A 135 -5.59 23.68 3.57
CA LYS A 135 -5.06 23.23 4.88
C LYS A 135 -5.93 23.74 6.02
N GLU A 136 -6.44 24.96 5.91
CA GLU A 136 -7.15 25.58 7.04
C GLU A 136 -8.41 24.82 7.42
N SER A 137 -9.04 24.20 6.43
CA SER A 137 -10.28 23.44 6.64
C SER A 137 -10.17 22.51 7.88
N LEU A 138 -9.14 21.70 7.94
CA LEU A 138 -9.01 20.76 9.09
C LEU A 138 -8.01 21.22 10.15
N VAL A 139 -7.06 22.08 9.79
CA VAL A 139 -6.12 22.62 10.77
C VAL A 139 -6.88 23.53 11.78
N THR A 140 -7.81 24.36 11.27
CA THR A 140 -8.54 25.31 12.11
C THR A 140 -9.99 24.91 12.40
N CYS A 141 -10.62 24.22 11.47
CA CYS A 141 -12.04 23.87 11.68
C CYS A 141 -12.30 22.35 11.71
N GLY A 142 -11.30 21.60 12.12
CA GLY A 142 -11.37 20.15 12.12
C GLY A 142 -12.68 19.62 12.72
N ARG A 143 -13.06 20.12 13.90
CA ARG A 143 -14.20 19.55 14.57
C ARG A 143 -15.47 19.96 13.86
N LEU A 144 -15.54 21.25 13.52
CA LEU A 144 -16.70 21.79 12.84
C LEU A 144 -16.93 21.10 11.54
N PHE A 145 -15.85 20.92 10.78
CA PHE A 145 -15.97 20.32 9.43
C PHE A 145 -16.28 18.82 9.47
N MET A 146 -15.66 18.07 10.36
CA MET A 146 -15.99 16.63 10.43
C MET A 146 -17.42 16.40 10.94
N ASP A 147 -17.88 17.24 11.84
CA ASP A 147 -19.26 17.18 12.28
C ASP A 147 -20.18 17.47 11.14
N ALA A 148 -19.82 18.48 10.34
CA ALA A 148 -20.63 18.81 9.18
C ALA A 148 -20.67 17.66 8.16
N VAL A 149 -19.53 17.05 7.87
CA VAL A 149 -19.51 15.99 6.86
C VAL A 149 -20.28 14.78 7.34
N LYS A 150 -20.18 14.49 8.62
CA LYS A 150 -20.97 13.41 9.22
C LYS A 150 -22.51 13.67 9.09
N GLN A 151 -22.90 14.93 9.22
CA GLN A 151 -24.31 15.30 9.12
C GLN A 151 -24.85 15.19 7.68
N SER A 152 -24.15 15.77 6.71
CA SER A 152 -24.56 15.72 5.31
C SER A 152 -24.14 14.46 4.56
N LYS A 153 -23.31 13.63 5.19
CA LYS A 153 -22.67 12.49 4.52
C LYS A 153 -21.86 12.87 3.25
N ALA A 154 -21.29 14.09 3.23
CA ALA A 154 -20.35 14.51 2.20
C ALA A 154 -19.18 13.51 2.18
N GLN A 155 -18.68 13.19 0.99
CA GLN A 155 -17.44 12.39 0.88
C GLN A 155 -16.20 13.30 0.79
N LEU A 156 -15.32 13.19 1.77
CA LEU A 156 -14.01 13.83 1.68
C LEU A 156 -12.98 12.93 1.01
N LEU A 157 -12.20 13.50 0.08
CA LEU A 157 -11.11 12.81 -0.57
C LEU A 157 -9.87 13.73 -0.49
N PRO A 158 -8.89 13.37 0.39
CA PRO A 158 -7.76 14.27 0.64
C PRO A 158 -6.79 14.28 -0.54
N VAL A 159 -6.42 15.48 -0.94
CA VAL A 159 -5.60 15.70 -2.10
C VAL A 159 -4.12 15.79 -1.67
N ASP A 160 -3.85 16.32 -0.47
CA ASP A 160 -2.45 16.42 0.02
C ASP A 160 -1.76 15.04 -0.10
N SER A 161 -0.49 15.03 -0.51
CA SER A 161 0.21 13.78 -0.79
C SER A 161 0.14 12.76 0.38
N GLU A 162 0.47 13.22 1.59
CA GLU A 162 0.43 12.37 2.79
C GLU A 162 -0.95 11.77 3.07
N HIS A 163 -1.97 12.64 3.08
CA HIS A 163 -3.31 12.16 3.42
C HIS A 163 -3.88 11.27 2.34
N ASN A 164 -3.57 11.59 1.09
CA ASN A 164 -4.00 10.79 -0.02
C ASN A 164 -3.37 9.41 0.05
N ALA A 165 -2.08 9.35 0.36
CA ALA A 165 -1.35 8.08 0.52
C ALA A 165 -1.99 7.26 1.60
N ILE A 166 -2.24 7.88 2.76
CA ILE A 166 -2.97 7.19 3.87
C ILE A 166 -4.35 6.70 3.39
N PHE A 167 -5.10 7.57 2.73
CA PHE A 167 -6.44 7.18 2.21
C PHE A 167 -6.34 5.93 1.34
N GLN A 168 -5.43 5.95 0.37
CA GLN A 168 -5.24 4.80 -0.52
C GLN A 168 -4.81 3.52 0.23
N SER A 169 -4.18 3.65 1.41
CA SER A 169 -3.72 2.54 2.25
C SER A 169 -4.69 2.06 3.32
N LEU A 170 -5.87 2.66 3.33
CA LEU A 170 -6.93 2.36 4.27
C LEU A 170 -8.00 1.42 3.68
N PRO A 171 -8.67 0.62 4.52
CA PRO A 171 -9.66 -0.30 3.96
C PRO A 171 -10.95 0.44 3.47
N GLN A 172 -11.67 -0.20 2.56
CA GLN A 172 -12.88 0.35 1.93
C GLN A 172 -13.92 0.89 2.94
N PRO A 173 -14.21 0.16 4.05
CA PRO A 173 -15.15 0.73 5.05
C PRO A 173 -14.74 2.07 5.66
N ILE A 174 -13.44 2.31 5.78
CA ILE A 174 -12.98 3.60 6.26
C ILE A 174 -13.06 4.67 5.16
N GLN A 175 -12.57 4.34 3.96
CA GLN A 175 -12.61 5.24 2.80
C GLN A 175 -14.03 5.80 2.58
N HIS A 176 -15.04 4.92 2.64
CA HIS A 176 -16.45 5.32 2.38
C HIS A 176 -17.16 6.01 3.54
N ASN A 177 -16.55 6.04 4.72
CA ASN A 177 -17.13 6.64 5.92
C ASN A 177 -16.05 7.46 6.62
N LEU A 178 -15.31 8.21 5.81
CA LEU A 178 -14.10 8.91 6.20
C LEU A 178 -14.39 10.02 7.20
N GLY A 179 -13.92 9.82 8.42
CA GLY A 179 -14.24 10.76 9.48
C GLY A 179 -15.00 10.08 10.59
N TYR A 180 -15.91 9.15 10.23
CA TYR A 180 -16.84 8.46 11.13
C TYR A 180 -16.40 7.05 11.58
N ALA A 181 -15.88 6.27 10.64
CA ALA A 181 -15.38 4.94 10.92
C ALA A 181 -14.35 4.83 12.06
N ASP A 182 -14.41 3.69 12.72
CA ASP A 182 -13.50 3.38 13.79
C ASP A 182 -12.26 2.65 13.20
N LEU A 183 -11.06 3.22 13.40
CA LEU A 183 -9.80 2.55 12.98
C LEU A 183 -9.64 1.16 13.57
N GLU A 184 -9.66 1.06 14.90
CA GLU A 184 -9.50 -0.23 15.58
C GLU A 184 -10.42 -1.34 15.04
N GLN A 185 -11.70 -1.02 14.89
CA GLN A 185 -12.70 -2.03 14.48
C GLN A 185 -12.43 -2.50 13.10
N ASN A 186 -11.68 -1.70 12.33
CA ASN A 186 -11.34 -2.02 10.95
C ASN A 186 -9.94 -2.54 10.77
N GLY A 187 -9.31 -2.95 11.87
CA GLY A 187 -8.04 -3.60 11.82
C GLY A 187 -6.83 -2.66 11.73
N VAL A 188 -7.03 -1.36 11.92
CA VAL A 188 -5.95 -0.38 11.74
C VAL A 188 -5.42 -0.05 13.11
N VAL A 189 -4.11 -0.22 13.25
CA VAL A 189 -3.43 0.08 14.49
C VAL A 189 -2.85 1.51 14.52
N SER A 190 -2.34 2.04 13.40
CA SER A 190 -1.86 3.40 13.39
C SER A 190 -1.67 3.96 11.99
N ILE A 191 -1.53 5.28 11.95
CA ILE A 191 -1.39 6.01 10.69
C ILE A 191 0.05 6.52 10.75
N LEU A 192 0.84 6.22 9.73
CA LEU A 192 2.25 6.60 9.66
C LEU A 192 2.47 7.77 8.70
N LEU A 193 2.66 8.95 9.27
CA LEU A 193 2.83 10.16 8.49
C LEU A 193 4.34 10.34 8.23
N THR A 194 4.74 10.36 6.97
CA THR A 194 6.16 10.55 6.62
C THR A 194 6.44 12.01 6.19
N GLY A 195 7.59 12.54 6.62
CA GLY A 195 8.06 13.87 6.26
C GLY A 195 9.54 13.84 5.89
N SER A 196 9.96 14.73 5.00
CA SER A 196 11.34 14.76 4.50
C SER A 196 12.37 15.12 5.58
N GLY A 197 11.95 15.85 6.63
CA GLY A 197 12.88 16.35 7.62
C GLY A 197 13.54 17.70 7.28
N GLY A 198 13.30 18.21 6.07
CA GLY A 198 13.77 19.54 5.67
C GLY A 198 15.28 19.60 5.38
N PRO A 199 15.80 20.81 5.04
CA PRO A 199 17.24 20.96 4.75
C PRO A 199 18.17 20.86 5.97
N PHE A 200 17.64 20.92 7.19
CA PHE A 200 18.50 20.97 8.38
C PHE A 200 18.40 19.68 9.16
N ARG A 201 18.11 18.62 8.43
CA ARG A 201 17.97 17.32 9.04
C ARG A 201 19.22 16.92 9.83
N GLU A 202 20.40 17.29 9.33
CA GLU A 202 21.62 16.90 10.03
C GLU A 202 22.48 18.06 10.57
N THR A 203 21.99 19.28 10.41
CA THR A 203 22.65 20.48 10.91
C THR A 203 22.88 20.40 12.43
N PRO A 204 24.10 20.74 12.90
CA PRO A 204 24.28 20.87 14.34
C PRO A 204 23.20 21.74 14.98
N LEU A 205 22.60 21.34 16.10
CA LEU A 205 21.50 22.13 16.66
C LEU A 205 21.90 23.59 16.90
N ARG A 206 23.13 23.79 17.37
CA ARG A 206 23.57 25.12 17.74
C ARG A 206 23.71 26.03 16.53
N ASP A 207 23.71 25.47 15.31
CA ASP A 207 23.80 26.28 14.09
C ASP A 207 22.44 26.71 13.50
N LEU A 208 21.37 26.19 14.06
CA LEU A 208 20.02 26.50 13.56
C LEU A 208 19.69 27.97 13.71
N ALA A 209 20.13 28.58 14.82
CA ALA A 209 19.88 29.99 15.12
C ALA A 209 20.43 30.92 14.04
N THR A 210 21.41 30.45 13.27
CA THR A 210 22.06 31.29 12.27
C THR A 210 21.71 30.97 10.82
N MET A 211 20.82 29.99 10.61
CA MET A 211 20.33 29.66 9.27
C MET A 211 19.56 30.80 8.61
N THR A 212 19.86 31.04 7.34
CA THR A 212 19.29 32.16 6.61
C THR A 212 18.00 31.75 5.87
N PRO A 213 17.17 32.72 5.46
CA PRO A 213 16.02 32.33 4.65
C PRO A 213 16.41 31.51 3.45
N ASP A 214 17.46 31.94 2.74
CA ASP A 214 17.86 31.25 1.53
C ASP A 214 18.28 29.81 1.81
N GLN A 215 18.96 29.58 2.95
CA GLN A 215 19.31 28.23 3.36
C GLN A 215 18.09 27.37 3.66
N ALA A 216 17.14 27.92 4.43
CA ALA A 216 15.90 27.20 4.78
C ALA A 216 15.03 26.87 3.59
N CYS A 217 15.06 27.74 2.57
CA CYS A 217 14.23 27.57 1.37
C CYS A 217 14.91 26.76 0.28
N ARG A 218 16.15 26.35 0.53
CA ARG A 218 16.90 25.58 -0.44
C ARG A 218 16.82 24.17 0.04
N HIS A 219 15.64 23.60 -0.07
CA HIS A 219 15.47 22.18 0.14
C HIS A 219 16.34 21.44 -0.89
N PRO A 220 17.37 20.69 -0.39
CA PRO A 220 18.35 20.05 -1.28
C PRO A 220 17.67 19.23 -2.40
N ASN A 221 16.51 18.65 -2.07
CA ASN A 221 15.86 17.63 -2.90
C ASN A 221 14.55 18.08 -3.56
N TRP A 222 14.01 19.19 -3.05
CA TRP A 222 12.68 19.67 -3.45
C TRP A 222 12.71 21.16 -3.79
N SER A 223 11.68 21.62 -4.52
CA SER A 223 11.60 23.00 -4.97
C SER A 223 10.16 23.49 -4.92
N MET A 224 9.84 24.29 -3.88
CA MET A 224 8.44 24.68 -3.59
C MET A 224 8.37 26.17 -3.17
N GLY A 225 7.20 26.63 -2.70
CA GLY A 225 7.08 28.01 -2.21
C GLY A 225 7.94 28.29 -0.97
N ARG A 226 8.26 29.56 -0.72
CA ARG A 226 9.14 29.90 0.41
C ARG A 226 8.51 29.54 1.79
N LYS A 227 7.21 29.79 1.96
CA LYS A 227 6.55 29.53 3.21
C LYS A 227 6.49 28.05 3.56
N ILE A 228 6.10 27.24 2.57
CA ILE A 228 6.11 25.79 2.73
C ILE A 228 7.53 25.23 2.94
N SER A 229 8.53 25.83 2.28
CA SER A 229 9.89 25.33 2.43
C SER A 229 10.36 25.52 3.90
N VAL A 230 10.03 26.65 4.49
CA VAL A 230 10.39 26.89 5.89
C VAL A 230 9.61 25.96 6.81
N ASP A 231 8.32 25.76 6.55
CA ASP A 231 7.52 24.79 7.32
C ASP A 231 8.09 23.37 7.21
N SER A 232 8.64 23.02 6.06
CA SER A 232 9.33 21.73 5.90
C SER A 232 10.60 21.66 6.80
N ALA A 233 11.33 22.79 6.86
CA ALA A 233 12.57 22.92 7.68
C ALA A 233 12.29 22.81 9.19
N THR A 234 11.16 23.34 9.65
CA THR A 234 10.81 23.32 11.08
C THR A 234 9.98 22.09 11.43
N MET A 235 9.56 21.37 10.39
CA MET A 235 8.51 20.35 10.47
C MET A 235 7.14 20.84 11.01
N MET A 236 6.91 22.14 10.94
CA MET A 236 5.58 22.68 11.16
C MET A 236 4.60 22.06 10.13
N ASN A 237 5.09 21.85 8.91
CA ASN A 237 4.28 21.25 7.88
C ASN A 237 3.73 19.90 8.28
N LYS A 238 4.59 19.06 8.82
CA LYS A 238 4.16 17.78 9.40
C LYS A 238 3.27 17.91 10.62
N GLY A 239 3.52 18.95 11.43
CA GLY A 239 2.68 19.20 12.58
C GLY A 239 1.28 19.56 12.12
N LEU A 240 1.18 20.39 11.08
CA LEU A 240 -0.16 20.77 10.54
C LEU A 240 -0.88 19.54 9.96
N GLU A 241 -0.14 18.69 9.25
CA GLU A 241 -0.67 17.45 8.68
C GLU A 241 -1.09 16.44 9.77
N TYR A 242 -0.36 16.40 10.90
CA TYR A 242 -0.72 15.58 12.06
C TYR A 242 -2.12 15.99 12.55
N ILE A 243 -2.35 17.30 12.62
CA ILE A 243 -3.63 17.87 13.07
C ILE A 243 -4.70 17.41 12.09
N GLU A 244 -4.51 17.66 10.80
CA GLU A 244 -5.44 17.24 9.77
C GLU A 244 -5.76 15.74 9.83
N ALA A 245 -4.72 14.92 9.98
CA ALA A 245 -4.83 13.47 9.94
C ALA A 245 -5.66 12.96 11.08
N ARG A 246 -5.48 13.52 12.28
CA ARG A 246 -6.24 13.04 13.41
C ARG A 246 -7.73 13.29 13.22
N TRP A 247 -8.07 14.42 12.61
CA TRP A 247 -9.47 14.72 12.26
C TRP A 247 -10.01 13.84 11.14
N LEU A 248 -9.32 13.90 10.02
CA LEU A 248 -9.67 13.18 8.84
C LEU A 248 -9.83 11.66 9.05
N PHE A 249 -8.87 11.02 9.73
CA PHE A 249 -8.88 9.56 9.90
C PHE A 249 -9.41 9.09 11.25
N ASN A 250 -9.87 10.01 12.08
CA ASN A 250 -10.43 9.68 13.39
C ASN A 250 -9.39 8.93 14.23
N ALA A 251 -8.19 9.52 14.33
CA ALA A 251 -7.05 8.85 14.97
C ALA A 251 -6.69 9.54 16.27
N SER A 252 -6.52 8.75 17.33
CA SER A 252 -6.08 9.27 18.62
C SER A 252 -4.56 9.49 18.59
N ALA A 253 -3.98 10.02 19.66
CA ALA A 253 -2.54 10.24 19.69
C ALA A 253 -1.72 8.97 19.56
N SER A 254 -2.14 7.89 20.21
CA SER A 254 -1.45 6.61 20.12
C SER A 254 -1.61 5.92 18.76
N GLN A 255 -2.55 6.39 17.94
CA GLN A 255 -2.73 5.86 16.57
C GLN A 255 -2.01 6.67 15.49
N MET A 256 -1.17 7.61 15.90
CA MET A 256 -0.37 8.43 14.97
C MET A 256 1.11 8.18 15.21
N GLU A 257 1.84 8.07 14.10
CA GLU A 257 3.31 7.99 14.15
C GLU A 257 3.81 8.95 13.11
N VAL A 258 4.85 9.71 13.45
CA VAL A 258 5.54 10.59 12.50
C VAL A 258 6.96 10.04 12.28
N LEU A 259 7.32 9.85 11.01
CA LEU A 259 8.62 9.36 10.61
C LEU A 259 9.24 10.29 9.62
N ILE A 260 10.53 10.51 9.79
CA ILE A 260 11.30 11.21 8.81
C ILE A 260 11.72 10.19 7.76
N HIS A 261 11.51 10.55 6.49
CA HIS A 261 11.82 9.71 5.34
C HIS A 261 12.36 10.69 4.30
N PRO A 262 13.69 10.91 4.31
CA PRO A 262 14.29 12.00 3.52
C PRO A 262 14.07 11.95 2.02
N GLN A 263 13.92 10.75 1.46
CA GLN A 263 13.75 10.60 0.04
C GLN A 263 12.33 10.88 -0.46
N SER A 264 11.36 10.89 0.47
CA SER A 264 9.94 11.18 0.11
C SER A 264 9.40 10.36 -1.04
N VAL A 265 9.78 9.09 -1.09
CA VAL A 265 9.25 8.19 -2.10
C VAL A 265 7.99 7.53 -1.58
N ILE A 266 8.06 7.02 -0.35
CA ILE A 266 6.87 6.56 0.37
C ILE A 266 6.13 7.82 0.84
N HIS A 267 4.87 8.00 0.41
CA HIS A 267 4.18 9.26 0.73
C HIS A 267 3.50 9.28 2.11
N SER A 268 3.22 8.09 2.65
CA SER A 268 2.75 7.84 4.04
C SER A 268 2.20 6.41 4.03
N MET A 269 1.87 5.90 5.21
CA MET A 269 1.53 4.50 5.36
C MET A 269 0.47 4.25 6.44
N VAL A 270 -0.04 3.00 6.46
CA VAL A 270 -1.03 2.55 7.42
C VAL A 270 -0.64 1.21 8.03
N ARG A 271 -0.60 1.15 9.35
CA ARG A 271 -0.14 -0.08 10.03
C ARG A 271 -1.40 -0.92 10.46
N TYR A 272 -1.40 -2.21 10.17
CA TYR A 272 -2.56 -3.05 10.50
C TYR A 272 -2.26 -4.06 11.62
N GLN A 273 -3.36 -4.55 12.19
CA GLN A 273 -3.39 -5.47 13.34
C GLN A 273 -2.55 -6.72 13.15
N ASP A 274 -2.48 -7.22 11.91
CA ASP A 274 -1.74 -8.47 11.62
C ASP A 274 -0.24 -8.29 11.37
N GLY A 275 0.22 -7.04 11.51
CA GLY A 275 1.62 -6.69 11.24
C GLY A 275 1.83 -6.01 9.88
N SER A 276 0.85 -6.13 8.98
CA SER A 276 0.96 -5.56 7.61
C SER A 276 1.09 -4.06 7.70
N VAL A 277 1.87 -3.49 6.79
CA VAL A 277 1.91 -2.04 6.59
C VAL A 277 1.66 -1.79 5.11
N LEU A 278 0.64 -0.97 4.82
CA LEU A 278 0.33 -0.63 3.44
C LEU A 278 0.88 0.79 3.23
N ALA A 279 1.42 1.01 2.04
CA ALA A 279 2.06 2.30 1.70
C ALA A 279 1.72 2.70 0.29
N GLN A 280 1.73 4.01 0.04
CA GLN A 280 1.63 4.51 -1.32
C GLN A 280 2.96 5.21 -1.69
N LEU A 281 3.46 4.93 -2.89
CA LEU A 281 4.70 5.50 -3.38
C LEU A 281 4.39 6.11 -4.73
N GLY A 282 5.25 7.00 -5.18
CA GLY A 282 5.09 7.52 -6.54
C GLY A 282 6.04 8.67 -6.78
N GLU A 283 6.06 9.16 -8.02
CA GLU A 283 6.79 10.40 -8.34
C GLU A 283 6.21 11.57 -7.55
N PRO A 284 7.03 12.60 -7.23
CA PRO A 284 6.51 13.76 -6.52
C PRO A 284 5.80 14.71 -7.48
N ASP A 285 4.60 14.32 -7.89
CA ASP A 285 3.81 15.09 -8.85
C ASP A 285 2.40 15.09 -8.26
N MET A 286 1.85 16.27 -7.96
CA MET A 286 0.49 16.43 -7.43
C MET A 286 -0.62 15.92 -8.32
N ARG A 287 -0.36 15.77 -9.61
CA ARG A 287 -1.40 15.21 -10.45
C ARG A 287 -1.78 13.78 -10.05
N THR A 288 -0.86 13.02 -9.46
CA THR A 288 -1.22 11.68 -8.96
C THR A 288 -2.35 11.68 -7.92
N PRO A 289 -2.13 12.30 -6.73
CA PRO A 289 -3.21 12.30 -5.75
C PRO A 289 -4.47 13.03 -6.22
N ILE A 290 -4.31 14.08 -7.02
CA ILE A 290 -5.46 14.79 -7.58
C ILE A 290 -6.30 13.83 -8.47
N ALA A 291 -5.65 13.10 -9.36
CA ALA A 291 -6.38 12.19 -10.25
C ALA A 291 -6.97 11.03 -9.47
N HIS A 292 -6.27 10.62 -8.40
CA HIS A 292 -6.82 9.58 -7.52
C HIS A 292 -8.21 9.99 -6.98
N THR A 293 -8.28 11.19 -6.43
CA THR A 293 -9.51 11.69 -5.80
C THR A 293 -10.59 11.93 -6.86
N MET A 294 -10.20 12.49 -7.98
CA MET A 294 -11.12 12.71 -9.08
C MET A 294 -11.75 11.41 -9.57
N ALA A 295 -10.96 10.34 -9.73
CA ALA A 295 -11.50 9.09 -10.29
C ALA A 295 -12.09 8.10 -9.31
N TRP A 296 -11.70 8.23 -8.03
CA TRP A 296 -12.13 7.29 -6.99
C TRP A 296 -13.61 6.89 -7.09
N PRO A 297 -13.94 5.59 -7.01
CA PRO A 297 -13.11 4.41 -6.68
C PRO A 297 -12.36 3.77 -7.86
N ASN A 298 -12.38 4.44 -9.02
CA ASN A 298 -11.70 3.96 -10.20
C ASN A 298 -10.42 4.79 -10.37
N ARG A 299 -9.76 4.62 -11.52
CA ARG A 299 -8.50 5.28 -11.79
C ARG A 299 -8.52 5.91 -13.17
N VAL A 300 -7.68 6.93 -13.33
CA VAL A 300 -7.58 7.66 -14.57
C VAL A 300 -6.07 7.96 -14.86
N ASN A 301 -5.67 8.09 -16.13
CA ASN A 301 -4.34 8.58 -16.45
C ASN A 301 -4.22 10.01 -15.98
N SER A 302 -3.06 10.34 -15.42
CA SER A 302 -2.81 11.63 -14.80
C SER A 302 -1.70 12.42 -15.53
N GLY A 303 -1.03 11.76 -16.48
CA GLY A 303 0.12 12.36 -17.13
C GLY A 303 1.42 12.11 -16.38
N VAL A 304 1.34 11.44 -15.22
CA VAL A 304 2.51 11.24 -14.37
C VAL A 304 3.20 9.99 -14.83
N LYS A 305 4.50 10.07 -14.96
CA LYS A 305 5.32 8.93 -15.43
C LYS A 305 5.48 7.90 -14.29
N PRO A 306 5.56 6.61 -14.67
CA PRO A 306 5.72 5.57 -13.68
C PRO A 306 7.02 5.75 -12.90
N LEU A 307 6.96 5.48 -11.61
CA LEU A 307 8.12 5.62 -10.73
C LEU A 307 9.17 4.58 -11.14
N ASP A 308 10.39 5.00 -11.41
CA ASP A 308 11.41 4.06 -11.82
C ASP A 308 12.23 3.65 -10.61
N PHE A 309 11.96 2.45 -10.12
CA PHE A 309 12.61 1.98 -8.90
C PHE A 309 14.12 1.78 -9.05
N CYS A 310 14.60 1.66 -10.29
CA CYS A 310 16.03 1.48 -10.54
C CYS A 310 16.78 2.78 -10.57
N LYS A 311 16.06 3.90 -10.47
CA LYS A 311 16.72 5.20 -10.35
C LYS A 311 16.42 5.96 -9.05
N LEU A 312 16.35 5.24 -7.93
CA LEU A 312 16.05 5.85 -6.62
C LEU A 312 17.27 5.95 -5.70
N SER A 313 17.27 6.93 -4.80
CA SER A 313 18.19 6.90 -3.66
C SER A 313 17.70 5.81 -2.73
N ALA A 314 18.60 5.25 -1.92
CA ALA A 314 18.23 4.25 -0.95
C ALA A 314 17.25 4.89 0.05
N LEU A 315 16.19 4.15 0.38
CA LEU A 315 15.12 4.70 1.24
C LEU A 315 15.45 4.52 2.70
N THR A 316 15.43 5.60 3.47
CA THR A 316 15.78 5.56 4.89
C THR A 316 14.68 6.17 5.77
N PHE A 317 14.74 5.89 7.06
CA PHE A 317 13.72 6.37 8.00
C PHE A 317 14.38 6.71 9.31
N ALA A 318 13.78 7.63 10.07
CA ALA A 318 14.27 8.01 11.36
C ALA A 318 13.14 8.64 12.20
N ALA A 319 13.23 8.53 13.51
CA ALA A 319 12.32 9.21 14.43
C ALA A 319 12.67 10.72 14.53
N PRO A 320 11.65 11.62 14.47
CA PRO A 320 11.86 13.05 14.69
C PRO A 320 12.37 13.38 16.08
N ASP A 321 13.38 14.24 16.16
CA ASP A 321 13.90 14.69 17.43
C ASP A 321 13.23 16.02 17.68
N TYR A 322 12.44 16.12 18.76
CA TYR A 322 11.70 17.34 19.07
C TYR A 322 12.54 18.52 19.52
N ASP A 323 13.79 18.25 19.93
CA ASP A 323 14.78 19.32 20.15
C ASP A 323 15.15 19.97 18.83
N ARG A 324 15.15 19.18 17.76
CA ARG A 324 15.44 19.66 16.42
C ARG A 324 14.17 20.24 15.77
N TYR A 325 13.02 19.67 16.12
CA TYR A 325 11.75 20.07 15.50
C TYR A 325 10.67 20.42 16.52
N PRO A 326 10.91 21.46 17.35
CA PRO A 326 9.94 21.83 18.39
C PRO A 326 8.52 22.20 17.84
N CYS A 327 8.44 22.73 16.62
CA CYS A 327 7.13 23.03 16.00
C CYS A 327 6.24 21.76 15.85
N LEU A 328 6.89 20.64 15.55
CA LEU A 328 6.18 19.37 15.40
C LEU A 328 5.47 19.03 16.71
N LYS A 329 6.22 19.11 17.81
CA LYS A 329 5.71 18.84 19.14
C LYS A 329 4.64 19.87 19.55
N LEU A 330 4.86 21.14 19.21
CA LEU A 330 3.84 22.17 19.50
C LEU A 330 2.50 21.90 18.83
N ALA A 331 2.56 21.46 17.57
CA ALA A 331 1.37 21.08 16.83
C ALA A 331 0.63 19.91 17.51
N MET A 332 1.38 18.86 17.86
CA MET A 332 0.79 17.72 18.58
C MET A 332 0.12 18.16 19.89
N GLU A 333 0.79 19.02 20.66
CA GLU A 333 0.23 19.55 21.90
C GLU A 333 -0.98 20.45 21.69
N ALA A 334 -0.91 21.29 20.65
CA ALA A 334 -2.02 22.18 20.28
C ALA A 334 -3.29 21.39 20.02
N PHE A 335 -3.14 20.28 19.32
CA PHE A 335 -4.30 19.44 19.02
C PHE A 335 -5.07 19.10 20.28
N GLU A 336 -4.35 18.72 21.33
CA GLU A 336 -4.98 18.34 22.61
C GLU A 336 -5.72 19.50 23.26
N GLN A 337 -5.32 20.73 22.95
CA GLN A 337 -5.98 21.90 23.50
C GLN A 337 -7.17 22.39 22.68
N GLY A 338 -7.37 21.86 21.47
CA GLY A 338 -8.56 22.19 20.70
C GLY A 338 -8.31 23.10 19.51
N GLN A 339 -9.38 23.43 18.78
CA GLN A 339 -9.30 24.21 17.54
C GLN A 339 -8.87 25.65 17.80
N ALA A 340 -9.09 26.16 19.02
CA ALA A 340 -8.61 27.50 19.32
C ALA A 340 -7.07 27.49 19.25
N ALA A 341 -6.45 26.47 19.84
CA ALA A 341 -5.00 26.33 19.85
C ALA A 341 -4.44 26.00 18.48
N THR A 342 -5.04 25.05 17.75
CA THR A 342 -4.50 24.77 16.40
C THR A 342 -4.67 25.94 15.46
N THR A 343 -5.78 26.68 15.59
CA THR A 343 -5.97 27.87 14.77
C THR A 343 -4.94 28.97 15.14
N ALA A 344 -4.73 29.22 16.43
CA ALA A 344 -3.71 30.20 16.85
C ALA A 344 -2.28 29.84 16.39
N LEU A 345 -1.94 28.55 16.45
CA LEU A 345 -0.60 28.08 16.02
C LEU A 345 -0.42 28.32 14.55
N ASN A 346 -1.42 27.93 13.76
CA ASN A 346 -1.36 28.15 12.31
C ASN A 346 -1.17 29.60 11.96
N ALA A 347 -1.95 30.45 12.64
CA ALA A 347 -1.93 31.88 12.42
C ALA A 347 -0.59 32.47 12.85
N ALA A 348 -0.17 32.23 14.08
CA ALA A 348 1.15 32.70 14.58
C ALA A 348 2.26 32.27 13.64
N ASN A 349 2.25 30.99 13.21
CA ASN A 349 3.29 30.53 12.27
C ASN A 349 3.31 31.26 10.92
N GLU A 350 2.16 31.69 10.40
CA GLU A 350 2.17 32.53 9.20
C GLU A 350 2.96 33.80 9.45
N ILE A 351 2.71 34.40 10.58
CA ILE A 351 3.33 35.66 10.92
C ILE A 351 4.84 35.47 11.19
N THR A 352 5.20 34.46 12.00
CA THR A 352 6.61 34.28 12.36
C THR A 352 7.45 33.77 11.17
N VAL A 353 6.91 32.87 10.34
CA VAL A 353 7.59 32.49 9.09
C VAL A 353 7.82 33.71 8.18
N ALA A 354 6.82 34.58 8.01
CA ALA A 354 6.97 35.75 7.16
C ALA A 354 8.06 36.71 7.75
N ALA A 355 8.08 36.85 9.07
CA ALA A 355 9.09 37.66 9.75
C ALA A 355 10.51 37.08 9.57
N PHE A 356 10.66 35.76 9.69
CA PHE A 356 11.92 35.10 9.41
C PHE A 356 12.38 35.39 7.99
N LEU A 357 11.46 35.23 7.04
CA LEU A 357 11.79 35.43 5.64
C LEU A 357 12.19 36.87 5.33
N ALA A 358 11.67 37.83 6.12
CA ALA A 358 11.96 39.27 6.00
C ALA A 358 13.18 39.69 6.85
N GLN A 359 13.82 38.71 7.46
CA GLN A 359 15.00 38.85 8.26
C GLN A 359 14.75 39.68 9.48
N GLN A 360 13.52 39.56 10.02
CA GLN A 360 13.18 40.33 11.23
C GLN A 360 13.51 39.50 12.44
N ILE A 361 13.53 38.18 12.25
CA ILE A 361 13.81 37.22 13.33
C ILE A 361 14.66 36.06 12.82
N ARG A 362 15.19 35.29 13.77
CA ARG A 362 16.03 34.11 13.46
C ARG A 362 15.18 32.88 13.15
N PHE A 363 15.77 31.92 12.45
CA PHE A 363 15.12 30.64 12.14
C PHE A 363 14.54 29.97 13.39
N THR A 364 15.31 29.97 14.46
CA THR A 364 14.89 29.43 15.72
C THR A 364 13.84 30.25 16.47
N ASP A 365 13.66 31.53 16.12
CA ASP A 365 12.62 32.36 16.74
C ASP A 365 11.20 31.97 16.27
N ILE A 366 11.09 31.24 15.18
CA ILE A 366 9.78 30.78 14.70
C ILE A 366 9.13 29.91 15.78
N ALA A 367 9.79 28.81 16.19
CA ALA A 367 9.22 27.95 17.25
C ALA A 367 9.02 28.70 18.56
N ALA A 368 9.98 29.56 18.91
CA ALA A 368 9.94 30.24 20.18
C ALA A 368 8.73 31.18 20.23
N LEU A 369 8.54 31.98 19.19
CA LEU A 369 7.42 32.93 19.14
C LEU A 369 6.08 32.23 18.94
N ASN A 370 6.05 31.15 18.15
CA ASN A 370 4.80 30.35 18.01
C ASN A 370 4.33 29.92 19.40
N LEU A 371 5.26 29.42 20.22
CA LEU A 371 4.93 28.99 21.59
C LEU A 371 4.45 30.15 22.43
N SER A 372 5.15 31.28 22.37
CA SER A 372 4.81 32.45 23.15
C SER A 372 3.40 32.96 22.83
N VAL A 373 3.03 32.95 21.55
CA VAL A 373 1.65 33.29 21.16
C VAL A 373 0.63 32.36 21.79
N LEU A 374 0.87 31.07 21.65
CA LEU A 374 -0.02 30.07 22.26
C LEU A 374 -0.19 30.27 23.77
N GLU A 375 0.89 30.62 24.47
CA GLU A 375 0.88 30.85 25.92
C GLU A 375 0.10 32.09 26.32
N LYS A 376 0.12 33.10 25.48
CA LYS A 376 -0.63 34.33 25.73
C LYS A 376 -2.10 34.26 25.32
N MET A 377 -2.46 33.33 24.45
CA MET A 377 -3.84 33.22 23.99
C MET A 377 -4.63 32.55 25.09
N ASP A 378 -5.87 32.98 25.22
CA ASP A 378 -6.80 32.41 26.17
C ASP A 378 -8.14 32.58 25.48
N MET A 379 -8.42 31.75 24.48
CA MET A 379 -9.74 31.83 23.84
C MET A 379 -10.55 30.53 24.04
N ARG A 380 -11.87 30.64 23.98
CA ARG A 380 -12.74 29.49 24.12
C ARG A 380 -12.68 28.63 22.84
N GLU A 381 -13.09 27.37 22.94
CA GLU A 381 -13.34 26.55 21.74
C GLU A 381 -14.25 27.29 20.76
N PRO A 382 -13.80 27.46 19.51
CA PRO A 382 -14.71 27.97 18.48
C PRO A 382 -15.94 27.07 18.26
N GLN A 383 -17.08 27.70 17.96
CA GLN A 383 -18.33 27.00 17.80
C GLN A 383 -18.85 27.14 16.39
N CYS A 384 -18.20 27.96 15.58
CA CYS A 384 -18.58 28.14 14.18
C CYS A 384 -17.41 28.76 13.47
N VAL A 385 -17.47 28.85 12.15
CA VAL A 385 -16.34 29.41 11.34
C VAL A 385 -15.98 30.84 11.76
N ASP A 386 -16.98 31.67 12.05
CA ASP A 386 -16.73 33.03 12.47
C ASP A 386 -15.87 33.12 13.71
N ASP A 387 -16.14 32.28 14.70
CA ASP A 387 -15.31 32.14 15.88
C ASP A 387 -13.88 31.80 15.51
N VAL A 388 -13.70 30.87 14.57
CA VAL A 388 -12.35 30.49 14.14
C VAL A 388 -11.65 31.70 13.51
N LEU A 389 -12.36 32.42 12.64
CA LEU A 389 -11.78 33.62 12.01
C LEU A 389 -11.30 34.66 13.06
N SER A 390 -12.04 34.77 14.14
CA SER A 390 -11.71 35.67 15.25
C SER A 390 -10.45 35.19 16.00
N VAL A 391 -10.35 33.89 16.25
CA VAL A 391 -9.12 33.36 16.90
C VAL A 391 -7.92 33.67 15.99
N ASP A 392 -8.10 33.42 14.70
CA ASP A 392 -7.08 33.65 13.71
C ASP A 392 -6.65 35.14 13.72
N ALA A 393 -7.63 36.05 13.63
CA ALA A 393 -7.33 37.49 13.61
C ALA A 393 -6.52 37.88 14.87
N ASN A 394 -6.95 37.38 16.02
CA ASN A 394 -6.31 37.72 17.29
C ASN A 394 -4.92 37.16 17.47
N ALA A 395 -4.74 35.88 17.09
CA ALA A 395 -3.44 35.21 17.13
C ALA A 395 -2.46 35.94 16.21
N ARG A 396 -2.92 36.40 15.04
CA ARG A 396 -2.04 37.14 14.17
C ARG A 396 -1.53 38.39 14.86
N GLU A 397 -2.43 39.12 15.54
CA GLU A 397 -2.00 40.35 16.16
C GLU A 397 -1.04 40.12 17.36
N VAL A 398 -1.32 39.09 18.16
CA VAL A 398 -0.42 38.71 19.23
C VAL A 398 0.96 38.41 18.64
N ALA A 399 0.99 37.62 17.56
CA ALA A 399 2.24 37.22 16.91
C ALA A 399 3.04 38.43 16.33
N ARG A 400 2.32 39.39 15.75
CA ARG A 400 2.96 40.57 15.15
C ARG A 400 3.65 41.38 16.21
N LYS A 401 2.98 41.54 17.34
CA LYS A 401 3.53 42.26 18.49
C LYS A 401 4.74 41.54 19.08
N GLU A 402 4.70 40.20 19.13
CA GLU A 402 5.87 39.42 19.58
C GLU A 402 7.05 39.58 18.66
N VAL A 403 6.80 39.60 17.36
CA VAL A 403 7.85 39.87 16.39
C VAL A 403 8.47 41.30 16.62
N MET A 404 7.60 42.29 16.75
CA MET A 404 8.08 43.65 16.91
C MET A 404 8.84 43.82 18.23
N ARG A 405 8.38 43.14 19.29
CA ARG A 405 9.03 43.22 20.59
C ARG A 405 10.45 42.67 20.45
N LEU A 406 10.57 41.59 19.70
CA LEU A 406 11.85 40.92 19.49
C LEU A 406 12.74 41.67 18.51
N ALA A 407 12.17 42.25 17.47
CA ALA A 407 12.98 42.97 16.48
C ALA A 407 13.38 44.38 16.96
N SER A 408 12.65 44.89 17.94
CA SER A 408 12.94 46.22 18.46
C SER A 408 13.75 46.12 19.74
N SER A 409 13.07 45.64 20.78
CA SER A 409 13.59 45.59 22.15
C SER A 409 14.31 44.25 22.40
N ALA A 410 14.25 43.80 23.66
CA ALA A 410 14.72 42.46 24.06
C ALA A 410 13.52 41.50 24.27
N GLY B 11 -17.44 -18.83 14.64
CA GLY B 11 -16.42 -18.10 13.85
C GLY B 11 -16.34 -18.79 12.50
N LYS B 12 -15.15 -18.83 11.93
CA LYS B 12 -14.96 -19.47 10.63
C LYS B 12 -14.48 -20.88 10.92
N GLN B 13 -15.07 -21.83 10.20
CA GLN B 13 -14.76 -23.24 10.29
C GLN B 13 -13.69 -23.53 9.29
N LEU B 14 -12.58 -24.09 9.74
CA LEU B 14 -11.48 -24.27 8.84
C LEU B 14 -10.98 -25.73 8.73
N THR B 15 -10.63 -26.09 7.49
CA THR B 15 -9.83 -27.29 7.25
C THR B 15 -8.42 -26.90 6.93
N ILE B 16 -7.46 -27.55 7.60
CA ILE B 16 -6.07 -27.29 7.34
C ILE B 16 -5.42 -28.49 6.61
N LEU B 17 -5.08 -28.27 5.35
CA LEU B 17 -4.39 -29.28 4.56
C LEU B 17 -2.87 -29.10 4.75
N GLY B 18 -2.20 -30.07 5.37
CA GLY B 18 -0.78 -29.93 5.59
C GLY B 18 -0.55 -29.24 6.93
N SER B 19 -1.27 -29.70 7.95
CA SER B 19 -1.26 -28.97 9.24
C SER B 19 0.04 -29.02 9.97
N THR B 20 0.82 -30.10 9.72
CA THR B 20 2.04 -30.34 10.50
C THR B 20 3.31 -29.68 9.96
N GLY B 21 3.23 -29.06 8.79
CA GLY B 21 4.38 -28.36 8.24
C GLY B 21 4.49 -26.92 8.73
N SER B 22 5.34 -26.15 8.07
CA SER B 22 5.66 -24.81 8.51
C SER B 22 4.44 -23.86 8.39
N ILE B 23 3.78 -23.87 7.24
CA ILE B 23 2.60 -23.01 7.03
C ILE B 23 1.45 -23.47 7.93
N GLY B 24 1.23 -24.78 7.99
CA GLY B 24 0.23 -25.38 8.88
C GLY B 24 0.39 -24.95 10.34
N CYS B 25 1.62 -25.02 10.86
CA CYS B 25 1.89 -24.60 12.26
C CYS B 25 1.69 -23.11 12.46
N SER B 26 2.09 -22.32 11.47
CA SER B 26 1.86 -20.86 11.54
C SER B 26 0.36 -20.54 11.51
N THR B 27 -0.40 -21.31 10.71
CA THR B 27 -1.88 -21.13 10.63
C THR B 27 -2.50 -21.36 12.00
N LEU B 28 -2.07 -22.47 12.63
CA LEU B 28 -2.57 -22.82 13.95
C LEU B 28 -2.13 -21.84 15.04
N ASP B 29 -0.97 -21.21 14.87
CA ASP B 29 -0.62 -20.11 15.78
C ASP B 29 -1.56 -18.91 15.65
N VAL B 30 -1.99 -18.60 14.43
CA VAL B 30 -3.02 -17.56 14.25
C VAL B 30 -4.35 -17.94 14.94
N VAL B 31 -4.80 -19.17 14.72
CA VAL B 31 -6.01 -19.63 15.41
C VAL B 31 -5.85 -19.51 16.95
N ARG B 32 -4.68 -19.92 17.45
CA ARG B 32 -4.32 -19.83 18.87
C ARG B 32 -4.45 -18.40 19.42
N HIS B 33 -4.08 -17.42 18.58
CA HIS B 33 -4.25 -16.02 18.90
C HIS B 33 -5.68 -15.55 18.83
N ASN B 34 -6.54 -16.29 18.11
CA ASN B 34 -7.94 -15.89 17.84
C ASN B 34 -8.97 -17.03 18.03
N PRO B 35 -8.95 -17.66 19.23
CA PRO B 35 -9.74 -18.89 19.38
C PRO B 35 -11.23 -18.61 19.21
N GLU B 36 -11.65 -17.38 19.43
CA GLU B 36 -13.06 -17.00 19.19
C GLU B 36 -13.48 -16.83 17.74
N HIS B 37 -12.51 -16.60 16.85
CA HIS B 37 -12.81 -16.31 15.44
C HIS B 37 -12.70 -17.53 14.54
N PHE B 38 -12.04 -18.59 15.03
CA PHE B 38 -11.71 -19.77 14.19
C PHE B 38 -11.91 -21.06 14.92
N ARG B 39 -12.59 -21.98 14.27
CA ARG B 39 -12.84 -23.33 14.76
C ARG B 39 -12.17 -24.30 13.79
N VAL B 40 -11.22 -25.11 14.28
CA VAL B 40 -10.56 -26.11 13.43
C VAL B 40 -11.46 -27.35 13.34
N VAL B 41 -12.03 -27.58 12.16
CA VAL B 41 -12.88 -28.77 11.90
C VAL B 41 -12.06 -30.01 11.52
N ALA B 42 -11.04 -29.81 10.69
CA ALA B 42 -10.25 -30.93 10.20
C ALA B 42 -8.78 -30.60 10.02
N LEU B 43 -7.90 -31.55 10.35
CA LEU B 43 -6.48 -31.43 10.13
C LEU B 43 -6.06 -32.59 9.23
N VAL B 44 -5.25 -32.28 8.22
CA VAL B 44 -4.77 -33.32 7.28
C VAL B 44 -3.25 -33.20 7.23
N ALA B 45 -2.54 -34.33 7.28
CA ALA B 45 -1.09 -34.33 7.17
C ALA B 45 -0.62 -35.61 6.49
N GLY B 46 0.70 -35.83 6.46
CA GLY B 46 1.31 -36.99 5.86
C GLY B 46 1.74 -38.10 6.81
N LYS B 47 2.86 -37.90 7.48
CA LYS B 47 3.40 -38.89 8.40
C LYS B 47 3.77 -38.38 9.79
N ASN B 48 3.62 -37.07 10.07
CA ASN B 48 4.17 -36.56 11.35
C ASN B 48 3.10 -36.80 12.44
N VAL B 49 3.08 -38.03 12.96
CA VAL B 49 2.07 -38.45 13.95
C VAL B 49 2.23 -37.68 15.25
N THR B 50 3.48 -37.44 15.64
CA THR B 50 3.77 -36.79 16.89
C THR B 50 3.20 -35.36 16.95
N ARG B 51 3.45 -34.58 15.90
CA ARG B 51 2.96 -33.21 15.81
C ARG B 51 1.45 -33.22 15.64
N MET B 52 0.95 -34.11 14.78
CA MET B 52 -0.49 -34.26 14.62
C MET B 52 -1.25 -34.55 15.93
N VAL B 53 -0.69 -35.41 16.80
CA VAL B 53 -1.34 -35.71 18.07
C VAL B 53 -1.50 -34.40 18.89
N GLU B 54 -0.42 -33.65 19.00
CA GLU B 54 -0.41 -32.41 19.78
C GLU B 54 -1.41 -31.40 19.24
N GLN B 55 -1.55 -31.34 17.92
CA GLN B 55 -2.48 -30.43 17.29
C GLN B 55 -3.90 -30.89 17.55
N CYS B 56 -4.14 -32.21 17.47
CA CYS B 56 -5.51 -32.70 17.79
C CYS B 56 -5.86 -32.43 19.24
N LEU B 57 -4.88 -32.57 20.12
CA LEU B 57 -5.12 -32.33 21.55
C LEU B 57 -5.36 -30.87 21.91
N GLU B 58 -4.75 -29.96 21.17
CA GLU B 58 -4.99 -28.50 21.35
C GLU B 58 -6.25 -27.96 20.67
N PHE B 59 -6.45 -28.36 19.41
CA PHE B 59 -7.49 -27.74 18.62
C PHE B 59 -8.78 -28.50 18.47
N SER B 60 -8.84 -29.71 19.05
CA SER B 60 -10.08 -30.51 19.08
C SER B 60 -10.83 -30.65 17.73
N PRO B 61 -10.11 -31.04 16.63
CA PRO B 61 -10.84 -31.08 15.37
C PRO B 61 -11.84 -32.28 15.39
N ARG B 62 -12.85 -32.23 14.55
CA ARG B 62 -13.75 -33.35 14.33
C ARG B 62 -13.00 -34.55 13.70
N TYR B 63 -12.14 -34.23 12.74
CA TYR B 63 -11.42 -35.23 11.97
C TYR B 63 -9.95 -34.93 11.92
N ALA B 64 -9.14 -35.98 11.87
CA ALA B 64 -7.73 -35.87 11.59
C ALA B 64 -7.40 -36.93 10.56
N VAL B 65 -6.75 -36.52 9.48
CA VAL B 65 -6.46 -37.46 8.38
C VAL B 65 -4.95 -37.55 8.25
N MET B 66 -4.41 -38.76 8.12
CA MET B 66 -3.02 -38.95 7.74
C MET B 66 -3.04 -39.58 6.37
N ASP B 67 -2.23 -39.05 5.44
CA ASP B 67 -2.17 -39.68 4.10
C ASP B 67 -1.64 -41.12 4.21
N ASP B 68 -0.59 -41.28 5.01
CA ASP B 68 0.03 -42.58 5.20
C ASP B 68 -0.79 -43.48 6.14
N GLU B 69 -1.12 -44.69 5.67
CA GLU B 69 -1.97 -45.58 6.48
C GLU B 69 -1.33 -46.02 7.84
N ALA B 70 -0.08 -46.44 7.83
CA ALA B 70 0.59 -46.78 9.08
C ALA B 70 0.53 -45.62 10.10
N SER B 71 0.74 -44.40 9.60
CA SER B 71 0.66 -43.19 10.41
C SER B 71 -0.73 -42.98 10.98
N ALA B 72 -1.79 -43.20 10.17
CA ALA B 72 -3.18 -43.05 10.59
C ALA B 72 -3.52 -44.02 11.70
N LYS B 73 -3.02 -45.26 11.57
CA LYS B 73 -3.26 -46.27 12.58
C LYS B 73 -2.59 -45.91 13.91
N LEU B 74 -1.34 -45.45 13.88
CA LEU B 74 -0.60 -45.00 15.07
C LEU B 74 -1.24 -43.78 15.73
N LEU B 75 -1.70 -42.85 14.90
CA LEU B 75 -2.43 -41.66 15.41
C LEU B 75 -3.65 -42.06 16.21
N LYS B 76 -4.47 -42.95 15.64
CA LYS B 76 -5.67 -43.45 16.32
C LYS B 76 -5.32 -44.03 17.69
N THR B 77 -4.27 -44.84 17.74
CA THR B 77 -3.86 -45.47 19.01
C THR B 77 -3.40 -44.42 20.06
N MET B 78 -2.66 -43.41 19.62
CA MET B 78 -2.23 -42.34 20.52
C MET B 78 -3.39 -41.47 21.02
N LEU B 79 -4.29 -41.08 20.11
CA LEU B 79 -5.43 -40.23 20.49
C LEU B 79 -6.33 -40.97 21.46
N GLN B 80 -6.50 -42.27 21.22
CA GLN B 80 -7.25 -43.13 22.17
C GLN B 80 -6.59 -43.18 23.55
N GLN B 81 -5.31 -43.52 23.60
CA GLN B 81 -4.52 -43.47 24.82
C GLN B 81 -4.71 -42.15 25.56
N GLN B 82 -4.74 -41.04 24.79
CA GLN B 82 -4.83 -39.68 25.31
C GLN B 82 -6.26 -39.25 25.62
N GLY B 83 -7.24 -40.10 25.31
CA GLY B 83 -8.65 -39.79 25.61
C GLY B 83 -9.38 -38.90 24.62
N SER B 84 -8.76 -38.64 23.47
CA SER B 84 -9.40 -37.81 22.46
C SER B 84 -10.31 -38.66 21.57
N ARG B 85 -11.49 -38.11 21.26
CA ARG B 85 -12.48 -38.69 20.35
C ARG B 85 -12.43 -38.15 18.90
N THR B 86 -11.44 -37.35 18.58
CA THR B 86 -11.23 -36.94 17.16
C THR B 86 -11.22 -38.20 16.24
N GLU B 87 -11.96 -38.17 15.14
CA GLU B 87 -12.05 -39.31 14.25
C GLU B 87 -10.88 -39.34 13.25
N VAL B 88 -10.17 -40.46 13.22
CA VAL B 88 -8.97 -40.57 12.43
C VAL B 88 -9.32 -41.25 11.10
N LEU B 89 -8.95 -40.57 10.02
CA LEU B 89 -9.08 -41.13 8.66
C LEU B 89 -7.71 -41.27 8.01
N SER B 90 -7.66 -41.94 6.85
CA SER B 90 -6.44 -42.08 6.11
C SER B 90 -6.65 -42.03 4.60
N GLY B 91 -5.60 -41.62 3.89
CA GLY B 91 -5.58 -41.67 2.44
C GLY B 91 -6.08 -40.41 1.75
N GLN B 92 -5.98 -40.42 0.41
CA GLN B 92 -6.17 -39.22 -0.39
C GLN B 92 -7.62 -38.81 -0.48
N GLN B 93 -8.51 -39.78 -0.63
CA GLN B 93 -9.92 -39.46 -0.68
C GLN B 93 -10.44 -38.72 0.57
N ALA B 94 -10.03 -39.19 1.75
CA ALA B 94 -10.42 -38.54 3.02
C ALA B 94 -9.90 -37.09 3.10
N ALA B 95 -8.70 -36.88 2.59
CA ALA B 95 -8.12 -35.55 2.54
C ALA B 95 -8.98 -34.63 1.67
N CYS B 96 -9.37 -35.11 0.49
CA CYS B 96 -10.29 -34.36 -0.38
C CYS B 96 -11.65 -34.12 0.29
N ASP B 97 -12.14 -35.13 1.02
CA ASP B 97 -13.44 -35.01 1.69
C ASP B 97 -13.41 -33.89 2.71
N MET B 98 -12.29 -33.76 3.42
CA MET B 98 -12.14 -32.75 4.47
C MET B 98 -12.12 -31.35 3.81
N ALA B 99 -11.53 -31.29 2.63
CA ALA B 99 -11.48 -30.03 1.85
C ALA B 99 -12.85 -29.61 1.38
N ALA B 100 -13.80 -30.56 1.32
CA ALA B 100 -15.12 -30.32 0.74
C ALA B 100 -16.24 -30.36 1.79
N LEU B 101 -15.90 -30.47 3.08
CA LEU B 101 -16.93 -30.61 4.11
C LEU B 101 -17.93 -29.48 3.99
N GLU B 102 -19.20 -29.83 3.95
CA GLU B 102 -20.25 -28.86 3.78
C GLU B 102 -20.13 -27.66 4.72
N ASP B 103 -19.78 -27.87 5.98
CA ASP B 103 -19.79 -26.77 6.96
C ASP B 103 -18.52 -25.93 7.05
N VAL B 104 -17.46 -26.34 6.35
CA VAL B 104 -16.23 -25.57 6.44
C VAL B 104 -16.32 -24.32 5.55
N ASP B 105 -15.71 -23.25 6.02
CA ASP B 105 -15.69 -21.99 5.30
C ASP B 105 -14.38 -21.81 4.53
N GLN B 106 -13.26 -22.20 5.14
CA GLN B 106 -11.94 -21.90 4.60
C GLN B 106 -11.14 -23.16 4.62
N VAL B 107 -10.28 -23.30 3.63
CA VAL B 107 -9.37 -24.43 3.52
C VAL B 107 -7.98 -23.85 3.35
N MET B 108 -7.13 -24.06 4.36
CA MET B 108 -5.68 -23.78 4.22
C MET B 108 -5.05 -24.86 3.35
N ALA B 109 -4.71 -24.47 2.11
CA ALA B 109 -4.10 -25.41 1.18
C ALA B 109 -2.57 -25.37 1.31
N ALA B 110 -2.02 -26.15 2.23
CA ALA B 110 -0.62 -26.10 2.56
C ALA B 110 0.08 -27.46 2.44
N ILE B 111 -0.50 -28.39 1.69
CA ILE B 111 0.25 -29.64 1.33
C ILE B 111 1.35 -29.27 0.38
N VAL B 112 2.53 -29.83 0.57
CA VAL B 112 3.65 -29.66 -0.35
C VAL B 112 3.58 -30.63 -1.58
N GLY B 113 3.98 -30.12 -2.75
CA GLY B 113 4.24 -30.94 -3.95
C GLY B 113 2.94 -31.28 -4.67
N ALA B 114 3.03 -32.20 -5.62
CA ALA B 114 1.90 -32.59 -6.47
C ALA B 114 0.79 -33.20 -5.63
N ALA B 115 1.15 -33.73 -4.45
CA ALA B 115 0.17 -34.30 -3.54
C ALA B 115 -0.87 -33.28 -3.06
N GLY B 116 -0.59 -31.99 -3.16
CA GLY B 116 -1.55 -30.98 -2.71
C GLY B 116 -2.61 -30.69 -3.76
N LEU B 117 -2.41 -31.21 -4.97
CA LEU B 117 -3.25 -30.88 -6.13
C LEU B 117 -4.73 -31.31 -5.97
N LEU B 118 -4.96 -32.61 -5.79
CA LEU B 118 -6.34 -33.07 -5.74
C LEU B 118 -7.07 -32.57 -4.50
N PRO B 119 -6.40 -32.59 -3.33
CA PRO B 119 -7.18 -31.98 -2.19
C PRO B 119 -7.51 -30.51 -2.40
N THR B 120 -6.60 -29.76 -3.00
CA THR B 120 -6.87 -28.35 -3.29
C THR B 120 -8.01 -28.19 -4.30
N LEU B 121 -7.95 -28.97 -5.37
CA LEU B 121 -9.02 -28.92 -6.37
C LEU B 121 -10.36 -29.26 -5.75
N ALA B 122 -10.37 -30.22 -4.81
CA ALA B 122 -11.63 -30.60 -4.12
C ALA B 122 -12.27 -29.42 -3.39
N ALA B 123 -11.43 -28.57 -2.81
CA ALA B 123 -11.90 -27.39 -2.11
C ALA B 123 -12.41 -26.37 -3.12
N ILE B 124 -11.70 -26.20 -4.23
CA ILE B 124 -12.14 -25.30 -5.29
C ILE B 124 -13.51 -25.73 -5.82
N ARG B 125 -13.63 -27.02 -6.17
CA ARG B 125 -14.89 -27.58 -6.71
C ARG B 125 -16.05 -27.40 -5.72
N ALA B 126 -15.72 -27.37 -4.42
CA ALA B 126 -16.71 -27.18 -3.37
C ALA B 126 -17.06 -25.68 -3.12
N GLY B 127 -16.40 -24.78 -3.85
CA GLY B 127 -16.63 -23.34 -3.78
C GLY B 127 -16.14 -22.75 -2.46
N LYS B 128 -15.15 -23.41 -1.84
CA LYS B 128 -14.63 -22.93 -0.57
C LYS B 128 -13.76 -21.67 -0.77
N THR B 129 -13.59 -20.91 0.31
CA THR B 129 -12.55 -19.89 0.37
C THR B 129 -11.23 -20.67 0.57
N ILE B 130 -10.29 -20.50 -0.36
CA ILE B 130 -9.04 -21.22 -0.38
C ILE B 130 -7.90 -20.28 0.02
N LEU B 131 -7.27 -20.58 1.15
CA LEU B 131 -6.05 -19.92 1.55
C LEU B 131 -4.92 -20.71 0.88
N LEU B 132 -4.47 -20.20 -0.25
CA LEU B 132 -3.65 -20.97 -1.16
C LEU B 132 -2.17 -20.79 -0.85
N ALA B 133 -1.53 -21.88 -0.39
CA ALA B 133 -0.09 -21.98 -0.07
C ALA B 133 0.55 -23.27 -0.55
N ASN B 134 0.16 -23.79 -1.70
CA ASN B 134 0.70 -25.00 -2.32
C ASN B 134 1.16 -24.46 -3.66
N LYS B 135 2.44 -24.64 -3.97
CA LYS B 135 3.04 -24.06 -5.20
C LYS B 135 2.53 -24.70 -6.48
N GLU B 136 2.32 -26.03 -6.46
CA GLU B 136 2.05 -26.75 -7.69
C GLU B 136 0.70 -26.35 -8.26
N SER B 137 -0.20 -25.90 -7.38
CA SER B 137 -1.58 -25.56 -7.80
C SER B 137 -1.58 -24.60 -8.99
N LEU B 138 -0.86 -23.47 -8.88
CA LEU B 138 -0.80 -22.55 -10.01
C LEU B 138 0.42 -22.73 -10.87
N VAL B 139 1.51 -23.27 -10.32
CA VAL B 139 2.71 -23.46 -11.14
C VAL B 139 2.46 -24.55 -12.18
N THR B 140 1.69 -25.56 -11.79
CA THR B 140 1.46 -26.66 -12.71
C THR B 140 0.06 -26.70 -13.28
N CYS B 141 -0.94 -26.31 -12.51
CA CYS B 141 -2.34 -26.45 -12.86
C CYS B 141 -3.06 -25.09 -12.95
N GLY B 142 -2.31 -24.03 -13.22
CA GLY B 142 -2.86 -22.68 -13.24
C GLY B 142 -4.09 -22.55 -14.14
N ARG B 143 -4.06 -23.16 -15.33
CA ARG B 143 -5.19 -23.02 -16.25
C ARG B 143 -6.40 -23.77 -15.76
N LEU B 144 -6.16 -25.05 -15.41
CA LEU B 144 -7.21 -25.91 -14.91
C LEU B 144 -7.86 -25.35 -13.63
N PHE B 145 -7.03 -24.81 -12.71
CA PHE B 145 -7.58 -24.35 -11.43
C PHE B 145 -8.30 -22.99 -11.54
N MET B 146 -7.79 -22.09 -12.38
CA MET B 146 -8.47 -20.81 -12.57
C MET B 146 -9.84 -20.98 -13.26
N ASP B 147 -9.92 -21.92 -14.21
CA ASP B 147 -11.18 -22.34 -14.84
C ASP B 147 -12.13 -22.88 -13.80
N ALA B 148 -11.63 -23.79 -12.96
CA ALA B 148 -12.43 -24.38 -11.89
C ALA B 148 -12.93 -23.37 -10.85
N VAL B 149 -12.09 -22.38 -10.54
CA VAL B 149 -12.43 -21.30 -9.61
C VAL B 149 -13.57 -20.44 -10.19
N LYS B 150 -13.44 -20.06 -11.47
CA LYS B 150 -14.49 -19.32 -12.17
C LYS B 150 -15.78 -20.11 -12.14
N GLN B 151 -15.69 -21.41 -12.43
CA GLN B 151 -16.84 -22.31 -12.43
C GLN B 151 -17.58 -22.38 -11.08
N SER B 152 -16.86 -22.56 -9.97
CA SER B 152 -17.50 -22.66 -8.65
C SER B 152 -17.61 -21.31 -7.91
N LYS B 153 -17.02 -20.26 -8.46
CA LYS B 153 -16.89 -18.97 -7.75
C LYS B 153 -16.18 -19.08 -6.36
N ALA B 154 -15.30 -20.06 -6.21
CA ALA B 154 -14.39 -20.14 -5.06
C ALA B 154 -13.57 -18.84 -4.90
N GLN B 155 -13.34 -18.38 -3.68
CA GLN B 155 -12.51 -17.22 -3.44
C GLN B 155 -11.07 -17.67 -3.11
N LEU B 156 -10.11 -17.29 -3.94
CA LEU B 156 -8.70 -17.61 -3.63
C LEU B 156 -8.11 -16.44 -2.87
N LEU B 157 -7.34 -16.75 -1.83
CA LEU B 157 -6.66 -15.77 -1.04
C LEU B 157 -5.23 -16.27 -0.93
N PRO B 158 -4.31 -15.63 -1.66
CA PRO B 158 -2.95 -16.14 -1.67
C PRO B 158 -2.21 -15.90 -0.38
N VAL B 159 -1.55 -16.95 0.07
CA VAL B 159 -0.80 -16.95 1.33
C VAL B 159 0.68 -16.57 1.16
N ASP B 160 1.28 -16.93 0.03
CA ASP B 160 2.70 -16.63 -0.17
C ASP B 160 2.90 -15.11 -0.03
N SER B 161 4.01 -14.69 0.56
CA SER B 161 4.25 -13.30 0.98
C SER B 161 4.07 -12.32 -0.19
N GLU B 162 4.78 -12.59 -1.30
CA GLU B 162 4.66 -11.79 -2.52
C GLU B 162 3.23 -11.64 -3.04
N HIS B 163 2.51 -12.74 -3.23
CA HIS B 163 1.15 -12.69 -3.78
C HIS B 163 0.18 -12.07 -2.82
N ASN B 164 0.35 -12.32 -1.53
CA ASN B 164 -0.50 -11.68 -0.54
C ASN B 164 -0.31 -10.15 -0.52
N ALA B 165 0.95 -9.71 -0.55
CA ALA B 165 1.31 -8.26 -0.68
C ALA B 165 0.64 -7.65 -1.90
N ILE B 166 0.73 -8.33 -3.04
CA ILE B 166 0.02 -7.86 -4.27
C ILE B 166 -1.49 -7.82 -4.05
N PHE B 167 -2.07 -8.94 -3.58
CA PHE B 167 -3.49 -8.95 -3.24
C PHE B 167 -3.93 -7.74 -2.35
N GLN B 168 -3.17 -7.47 -1.28
CA GLN B 168 -3.49 -6.35 -0.38
C GLN B 168 -3.41 -4.99 -1.08
N SER B 169 -2.64 -4.93 -2.15
CA SER B 169 -2.35 -3.67 -2.87
C SER B 169 -3.23 -3.51 -4.11
N LEU B 170 -4.19 -4.41 -4.28
CA LEU B 170 -5.10 -4.42 -5.43
C LEU B 170 -6.48 -3.85 -5.03
N PRO B 171 -7.25 -3.31 -6.01
CA PRO B 171 -8.54 -2.72 -5.63
C PRO B 171 -9.58 -3.81 -5.36
N GLN B 172 -10.64 -3.45 -4.63
CA GLN B 172 -11.69 -4.37 -4.24
C GLN B 172 -12.29 -5.22 -5.33
N PRO B 173 -12.67 -4.62 -6.48
CA PRO B 173 -13.26 -5.42 -7.56
C PRO B 173 -12.35 -6.55 -8.06
N ILE B 174 -11.03 -6.36 -7.95
CA ILE B 174 -10.07 -7.43 -8.32
C ILE B 174 -10.01 -8.48 -7.20
N GLN B 175 -9.87 -8.03 -5.95
CA GLN B 175 -9.80 -8.95 -4.80
C GLN B 175 -10.98 -9.93 -4.79
N HIS B 176 -12.19 -9.40 -5.06
CA HIS B 176 -13.37 -10.26 -5.29
C HIS B 176 -13.17 -10.63 -6.74
N ASN B 177 -13.61 -11.75 -7.24
CA ASN B 177 -13.25 -11.98 -8.68
C ASN B 177 -11.77 -12.15 -9.00
N LEU B 178 -10.99 -12.66 -8.04
CA LEU B 178 -9.53 -12.80 -8.20
C LEU B 178 -9.20 -13.86 -9.22
N GLY B 179 -8.57 -13.47 -10.33
CA GLY B 179 -8.27 -14.40 -11.42
C GLY B 179 -9.11 -14.19 -12.68
N TYR B 180 -10.25 -13.52 -12.53
CA TYR B 180 -11.09 -13.17 -13.70
C TYR B 180 -11.23 -11.65 -13.97
N ALA B 181 -11.05 -10.84 -12.94
CA ALA B 181 -11.14 -9.38 -13.10
C ALA B 181 -10.15 -8.87 -14.14
N ASP B 182 -10.48 -7.79 -14.82
CA ASP B 182 -9.59 -7.20 -15.77
C ASP B 182 -8.74 -6.12 -15.07
N LEU B 183 -7.42 -6.29 -15.13
CA LEU B 183 -6.51 -5.32 -14.53
C LEU B 183 -6.64 -3.91 -15.12
N GLU B 184 -6.56 -3.77 -16.45
CA GLU B 184 -6.60 -2.43 -17.05
C GLU B 184 -7.90 -1.67 -16.72
N GLN B 185 -9.02 -2.39 -16.79
CA GLN B 185 -10.35 -1.88 -16.48
C GLN B 185 -10.43 -1.38 -15.03
N ASN B 186 -9.59 -1.95 -14.16
CA ASN B 186 -9.56 -1.53 -12.77
C ASN B 186 -8.40 -0.59 -12.45
N GLY B 187 -7.85 0.04 -13.48
CA GLY B 187 -6.81 1.02 -13.28
C GLY B 187 -5.42 0.51 -12.90
N VAL B 188 -5.17 -0.79 -13.09
CA VAL B 188 -3.90 -1.41 -12.73
C VAL B 188 -3.02 -1.50 -13.97
N VAL B 189 -1.80 -0.98 -13.88
CA VAL B 189 -0.81 -0.97 -14.98
C VAL B 189 0.07 -2.23 -14.93
N SER B 190 0.50 -2.58 -13.72
CA SER B 190 1.31 -3.77 -13.60
C SER B 190 1.46 -4.22 -12.15
N ILE B 191 1.94 -5.46 -12.04
CA ILE B 191 2.23 -6.14 -10.79
C ILE B 191 3.74 -6.19 -10.59
N LEU B 192 4.22 -5.69 -9.45
CA LEU B 192 5.63 -5.61 -9.17
C LEU B 192 6.05 -6.67 -8.15
N LEU B 193 6.65 -7.73 -8.67
CA LEU B 193 7.13 -8.83 -7.86
C LEU B 193 8.54 -8.53 -7.36
N THR B 194 8.72 -8.49 -6.05
CA THR B 194 10.06 -8.22 -5.51
C THR B 194 10.72 -9.49 -4.97
N GLY B 195 12.03 -9.62 -5.18
CA GLY B 195 12.80 -10.78 -4.67
C GLY B 195 14.14 -10.29 -4.15
N SER B 196 14.70 -11.02 -3.18
CA SER B 196 15.94 -10.64 -2.53
C SER B 196 17.17 -10.64 -3.44
N GLY B 197 17.14 -11.44 -4.50
CA GLY B 197 18.31 -11.66 -5.39
C GLY B 197 19.24 -12.75 -4.88
N GLY B 198 18.98 -13.22 -3.66
CA GLY B 198 19.75 -14.33 -3.10
C GLY B 198 21.14 -14.01 -2.57
N PRO B 199 21.86 -15.04 -2.11
CA PRO B 199 23.19 -14.80 -1.54
C PRO B 199 24.26 -14.42 -2.55
N PHE B 200 24.02 -14.59 -3.85
CA PHE B 200 25.04 -14.34 -4.89
C PHE B 200 24.71 -13.15 -5.75
N ARG B 201 23.89 -12.28 -5.20
CA ARG B 201 23.53 -11.02 -5.85
C ARG B 201 24.76 -10.26 -6.39
N GLU B 202 25.84 -10.20 -5.60
CA GLU B 202 27.06 -9.43 -5.96
C GLU B 202 28.33 -10.26 -6.26
N THR B 203 28.15 -11.58 -6.39
CA THR B 203 29.25 -12.51 -6.67
C THR B 203 29.66 -12.33 -8.13
N PRO B 204 30.99 -12.21 -8.40
CA PRO B 204 31.40 -12.18 -9.80
C PRO B 204 30.80 -13.38 -10.52
N LEU B 205 30.35 -13.18 -11.76
CA LEU B 205 29.74 -14.28 -12.50
C LEU B 205 30.67 -15.47 -12.72
N ARG B 206 31.98 -15.21 -12.68
CA ARG B 206 33.03 -16.21 -12.89
C ARG B 206 33.01 -17.27 -11.79
N ASP B 207 32.71 -16.79 -10.58
CA ASP B 207 32.71 -17.60 -9.38
C ASP B 207 31.42 -18.41 -9.14
N LEU B 208 30.38 -18.16 -9.91
CA LEU B 208 29.10 -18.84 -9.67
C LEU B 208 29.24 -20.35 -9.86
N ALA B 209 30.04 -20.77 -10.85
CA ALA B 209 30.21 -22.21 -11.14
C ALA B 209 30.84 -22.95 -9.98
N THR B 210 31.53 -22.25 -9.10
CA THR B 210 32.18 -22.94 -7.98
C THR B 210 31.51 -22.77 -6.60
N MET B 211 30.35 -22.11 -6.57
CA MET B 211 29.62 -21.97 -5.29
C MET B 211 29.21 -23.36 -4.73
N THR B 212 29.39 -23.51 -3.43
CA THR B 212 29.08 -24.74 -2.69
C THR B 212 27.61 -24.71 -2.16
N PRO B 213 27.03 -25.90 -1.88
CA PRO B 213 25.72 -25.93 -1.22
C PRO B 213 25.68 -25.14 0.08
N ASP B 214 26.74 -25.21 0.90
CA ASP B 214 26.69 -24.46 2.12
C ASP B 214 26.67 -22.96 1.86
N GLN B 215 27.39 -22.50 0.81
CA GLN B 215 27.36 -21.09 0.45
C GLN B 215 26.00 -20.66 -0.12
N ALA B 216 25.39 -21.52 -0.95
CA ALA B 216 24.09 -21.22 -1.57
C ALA B 216 22.95 -21.16 -0.58
N CYS B 217 23.05 -21.94 0.49
CA CYS B 217 21.99 -22.05 1.49
C CYS B 217 22.18 -21.06 2.58
N ARG B 218 23.28 -20.31 2.47
CA ARG B 218 23.65 -19.30 3.44
C ARG B 218 23.17 -17.95 2.94
N HIS B 219 21.85 -17.81 2.84
CA HIS B 219 21.25 -16.52 2.59
C HIS B 219 21.67 -15.60 3.76
N PRO B 220 22.34 -14.46 3.42
CA PRO B 220 22.80 -13.44 4.37
C PRO B 220 21.79 -13.21 5.50
N ASN B 221 20.62 -12.70 5.13
CA ASN B 221 19.49 -12.54 6.05
C ASN B 221 18.32 -13.40 5.63
N TRP B 222 18.17 -14.64 6.26
CA TRP B 222 16.82 -15.17 6.44
C TRP B 222 16.84 -16.52 7.17
N SER B 223 17.57 -17.53 6.64
CA SER B 223 17.52 -18.91 7.18
C SER B 223 16.19 -19.54 6.86
N MET B 224 16.22 -20.48 5.91
CA MET B 224 15.03 -21.23 5.48
C MET B 224 15.54 -22.57 4.93
N GLY B 225 14.64 -23.40 4.40
CA GLY B 225 14.99 -24.71 3.87
C GLY B 225 16.01 -24.64 2.74
N ARG B 226 16.71 -25.76 2.50
CA ARG B 226 17.80 -25.75 1.52
C ARG B 226 17.23 -25.57 0.12
N LYS B 227 16.19 -26.31 -0.23
CA LYS B 227 15.59 -26.23 -1.59
C LYS B 227 15.19 -24.78 -1.94
N ILE B 228 14.45 -24.14 -1.04
CA ILE B 228 14.02 -22.77 -1.28
C ILE B 228 15.20 -21.76 -1.24
N SER B 229 16.22 -22.03 -0.42
CA SER B 229 17.43 -21.21 -0.37
C SER B 229 18.15 -21.22 -1.71
N VAL B 230 18.30 -22.41 -2.31
CA VAL B 230 18.90 -22.55 -3.62
C VAL B 230 18.03 -21.85 -4.70
N ASP B 231 16.71 -22.07 -4.66
CA ASP B 231 15.77 -21.37 -5.57
C ASP B 231 15.84 -19.83 -5.46
N SER B 232 16.09 -19.35 -4.25
CA SER B 232 16.31 -17.92 -4.01
C SER B 232 17.65 -17.48 -4.64
N ALA B 233 18.69 -18.33 -4.56
CA ALA B 233 20.00 -18.02 -5.19
C ALA B 233 19.96 -17.97 -6.72
N THR B 234 19.10 -18.81 -7.31
CA THR B 234 18.96 -18.87 -8.77
C THR B 234 17.85 -17.94 -9.28
N MET B 235 17.04 -17.44 -8.34
CA MET B 235 15.78 -16.73 -8.65
C MET B 235 14.76 -17.57 -9.36
N MET B 236 14.94 -18.89 -9.28
CA MET B 236 13.89 -19.81 -9.71
C MET B 236 12.65 -19.58 -8.86
N ASN B 237 12.87 -19.24 -7.59
CA ASN B 237 11.72 -19.00 -6.69
C ASN B 237 10.86 -17.86 -7.23
N LYS B 238 11.49 -16.77 -7.61
CA LYS B 238 10.77 -15.65 -8.25
C LYS B 238 10.18 -16.04 -9.61
N GLY B 239 10.87 -16.93 -10.33
CA GLY B 239 10.34 -17.44 -11.58
C GLY B 239 9.04 -18.21 -11.37
N LEU B 240 8.98 -19.06 -10.35
CA LEU B 240 7.78 -19.82 -10.07
C LEU B 240 6.69 -18.85 -9.59
N GLU B 241 7.06 -17.83 -8.83
CA GLU B 241 6.03 -16.87 -8.32
C GLU B 241 5.49 -16.02 -9.49
N TYR B 242 6.35 -15.77 -10.47
CA TYR B 242 5.94 -15.10 -11.75
C TYR B 242 4.80 -15.84 -12.45
N ILE B 243 5.02 -17.15 -12.63
CA ILE B 243 4.02 -18.05 -13.20
C ILE B 243 2.70 -18.00 -12.39
N GLU B 244 2.76 -18.16 -11.06
CA GLU B 244 1.54 -18.10 -10.21
C GLU B 244 0.85 -16.74 -10.31
N ALA B 245 1.64 -15.64 -10.26
CA ALA B 245 1.09 -14.29 -10.31
C ALA B 245 0.33 -14.02 -11.62
N ARG B 246 0.87 -14.48 -12.74
CA ARG B 246 0.19 -14.26 -14.00
C ARG B 246 -1.20 -14.92 -13.99
N TRP B 247 -1.30 -16.17 -13.49
CA TRP B 247 -2.60 -16.84 -13.34
C TRP B 247 -3.49 -16.19 -12.29
N LEU B 248 -2.95 -15.97 -11.10
CA LEU B 248 -3.71 -15.44 -9.98
C LEU B 248 -4.30 -14.05 -10.30
N PHE B 249 -3.47 -13.18 -10.89
CA PHE B 249 -3.87 -11.79 -11.14
C PHE B 249 -4.34 -11.46 -12.56
N ASN B 250 -4.40 -12.47 -13.43
CA ASN B 250 -4.80 -12.28 -14.83
C ASN B 250 -3.89 -11.23 -15.48
N ALA B 251 -2.57 -11.44 -15.38
CA ALA B 251 -1.60 -10.46 -15.85
C ALA B 251 -0.86 -11.00 -17.07
N SER B 252 -0.70 -10.16 -18.09
CA SER B 252 0.05 -10.51 -19.30
C SER B 252 1.52 -10.23 -18.97
N ALA B 253 2.43 -10.67 -19.83
CA ALA B 253 3.84 -10.41 -19.62
C ALA B 253 4.15 -8.91 -19.46
N SER B 254 3.41 -8.03 -20.17
CA SER B 254 3.69 -6.57 -20.10
C SER B 254 3.18 -5.96 -18.79
N GLN B 255 2.33 -6.71 -18.09
CA GLN B 255 1.77 -6.29 -16.83
C GLN B 255 2.52 -6.85 -15.64
N MET B 256 3.70 -7.41 -15.88
CA MET B 256 4.50 -8.02 -14.82
C MET B 256 5.85 -7.35 -14.78
N GLU B 257 6.31 -6.98 -13.58
CA GLU B 257 7.68 -6.50 -13.43
C GLU B 257 8.30 -7.28 -12.29
N VAL B 258 9.57 -7.66 -12.46
CA VAL B 258 10.34 -8.33 -11.37
C VAL B 258 11.45 -7.38 -10.95
N LEU B 259 11.59 -7.19 -9.66
CA LEU B 259 12.55 -6.24 -9.17
C LEU B 259 13.31 -6.88 -8.03
N ILE B 260 14.63 -6.76 -8.06
CA ILE B 260 15.44 -7.17 -6.93
C ILE B 260 15.30 -6.11 -5.86
N HIS B 261 15.03 -6.55 -4.62
CA HIS B 261 14.93 -5.72 -3.43
C HIS B 261 15.55 -6.50 -2.29
N PRO B 262 16.89 -6.30 -2.08
CA PRO B 262 17.67 -7.11 -1.15
C PRO B 262 17.16 -7.21 0.27
N GLN B 263 16.61 -6.11 0.81
CA GLN B 263 16.19 -6.04 2.22
C GLN B 263 14.87 -6.80 2.50
N SER B 264 14.10 -7.07 1.43
CA SER B 264 12.83 -7.80 1.49
C SER B 264 11.85 -7.22 2.51
N VAL B 265 11.87 -5.90 2.64
CA VAL B 265 10.91 -5.20 3.51
C VAL B 265 9.62 -4.94 2.76
N ILE B 266 9.74 -4.44 1.52
CA ILE B 266 8.59 -4.33 0.63
C ILE B 266 8.41 -5.75 0.05
N HIS B 267 7.22 -6.32 0.24
CA HIS B 267 6.98 -7.72 -0.10
C HIS B 267 6.52 -7.92 -1.55
N SER B 268 5.93 -6.86 -2.10
CA SER B 268 5.59 -6.71 -3.50
C SER B 268 4.68 -5.48 -3.66
N MET B 269 4.39 -5.09 -4.91
CA MET B 269 3.69 -3.84 -5.16
C MET B 269 2.75 -3.92 -6.37
N VAL B 270 1.93 -2.87 -6.53
CA VAL B 270 1.02 -2.78 -7.66
C VAL B 270 1.07 -1.35 -8.17
N ARG B 271 1.25 -1.21 -9.49
CA ARG B 271 1.38 0.08 -10.15
C ARG B 271 0.02 0.45 -10.78
N TYR B 272 -0.38 1.70 -10.58
CA TYR B 272 -1.68 2.20 -11.01
C TYR B 272 -1.56 3.25 -12.13
N GLN B 273 -2.67 3.43 -12.82
CA GLN B 273 -2.79 4.25 -14.03
C GLN B 273 -2.45 5.72 -13.76
N ASP B 274 -2.68 6.18 -12.53
CA ASP B 274 -2.42 7.59 -12.21
C ASP B 274 -0.99 7.85 -11.76
N GLY B 275 -0.14 6.81 -11.72
CA GLY B 275 1.19 6.98 -11.14
C GLY B 275 1.45 6.33 -9.77
N SER B 276 0.37 6.14 -9.00
CA SER B 276 0.44 5.60 -7.64
C SER B 276 1.03 4.20 -7.67
N VAL B 277 1.79 3.86 -6.64
CA VAL B 277 2.24 2.48 -6.45
C VAL B 277 1.83 2.13 -5.03
N LEU B 278 1.04 1.07 -4.86
CA LEU B 278 0.71 0.59 -3.53
C LEU B 278 1.58 -0.61 -3.22
N ALA B 279 2.01 -0.73 -1.97
CA ALA B 279 2.91 -1.77 -1.52
C ALA B 279 2.48 -2.22 -0.15
N GLN B 280 2.83 -3.46 0.18
CA GLN B 280 2.70 -3.97 1.54
C GLN B 280 4.09 -4.26 2.04
N LEU B 281 4.33 -3.87 3.30
CA LEU B 281 5.60 -4.07 3.98
C LEU B 281 5.30 -4.78 5.27
N GLY B 282 6.30 -5.42 5.86
CA GLY B 282 6.13 -5.94 7.23
C GLY B 282 7.30 -6.79 7.66
N GLU B 283 7.25 -7.25 8.91
CA GLU B 283 8.26 -8.20 9.41
C GLU B 283 8.19 -9.44 8.57
N PRO B 284 9.34 -10.13 8.38
CA PRO B 284 9.39 -11.39 7.64
C PRO B 284 8.84 -12.52 8.53
N ASP B 285 7.54 -12.76 8.48
CA ASP B 285 6.90 -13.71 9.35
C ASP B 285 5.65 -14.11 8.59
N MET B 286 5.58 -15.39 8.20
CA MET B 286 4.40 -15.91 7.48
C MET B 286 3.06 -15.78 8.18
N ARG B 287 3.06 -15.53 9.48
CA ARG B 287 1.80 -15.30 10.20
C ARG B 287 1.05 -14.07 9.73
N THR B 288 1.77 -13.05 9.28
CA THR B 288 1.11 -11.88 8.69
C THR B 288 0.26 -12.20 7.47
N PRO B 289 0.86 -12.70 6.35
CA PRO B 289 -0.02 -13.05 5.24
C PRO B 289 -1.08 -14.09 5.57
N ILE B 290 -0.77 -15.09 6.41
CA ILE B 290 -1.77 -16.11 6.80
C ILE B 290 -2.97 -15.48 7.56
N ALA B 291 -2.69 -14.69 8.59
CA ALA B 291 -3.72 -13.94 9.30
C ALA B 291 -4.54 -13.01 8.38
N HIS B 292 -3.88 -12.36 7.41
CA HIS B 292 -4.60 -11.55 6.44
C HIS B 292 -5.67 -12.41 5.70
N THR B 293 -5.25 -13.53 5.12
CA THR B 293 -6.19 -14.38 4.37
C THR B 293 -7.30 -15.00 5.25
N MET B 294 -6.93 -15.37 6.47
CA MET B 294 -7.90 -15.95 7.38
C MET B 294 -8.99 -14.92 7.80
N ALA B 295 -8.56 -13.67 8.00
CA ALA B 295 -9.46 -12.62 8.47
C ALA B 295 -10.21 -11.86 7.37
N TRP B 296 -9.67 -11.88 6.14
CA TRP B 296 -10.21 -11.06 5.06
C TRP B 296 -11.75 -11.16 4.99
N PRO B 297 -12.47 -10.03 4.78
CA PRO B 297 -11.96 -8.68 4.54
C PRO B 297 -11.70 -7.86 5.79
N ASN B 298 -11.72 -8.49 6.95
CA ASN B 298 -11.34 -7.86 8.20
C ASN B 298 -9.87 -8.21 8.55
N ARG B 299 -9.44 -7.94 9.79
CA ARG B 299 -8.07 -8.18 10.28
C ARG B 299 -8.15 -8.85 11.64
N VAL B 300 -7.09 -9.60 11.97
CA VAL B 300 -6.88 -10.16 13.34
C VAL B 300 -5.41 -9.97 13.74
N ASN B 301 -5.13 -10.05 15.04
CA ASN B 301 -3.77 -10.12 15.57
C ASN B 301 -3.16 -11.43 15.14
N SER B 302 -1.89 -11.37 14.80
CA SER B 302 -1.23 -12.51 14.25
C SER B 302 -0.08 -12.94 15.17
N GLY B 303 0.21 -12.12 16.17
CA GLY B 303 1.41 -12.32 17.00
C GLY B 303 2.70 -11.71 16.46
N VAL B 304 2.64 -11.16 15.25
CA VAL B 304 3.81 -10.62 14.60
C VAL B 304 3.96 -9.20 15.11
N LYS B 305 5.18 -8.83 15.48
CA LYS B 305 5.43 -7.51 16.05
C LYS B 305 5.43 -6.41 14.95
N PRO B 306 5.07 -5.16 15.33
CA PRO B 306 5.02 -4.09 14.30
C PRO B 306 6.41 -3.82 13.73
N LEU B 307 6.49 -3.66 12.41
CA LEU B 307 7.75 -3.34 11.78
C LEU B 307 8.34 -2.03 12.33
N ASP B 308 9.59 -2.08 12.80
CA ASP B 308 10.26 -0.89 13.29
C ASP B 308 11.04 -0.21 12.16
N PHE B 309 10.50 0.88 11.64
CA PHE B 309 11.14 1.62 10.52
C PHE B 309 12.48 2.28 10.91
N CYS B 310 12.71 2.40 12.21
CA CYS B 310 13.94 3.02 12.68
C CYS B 310 15.07 1.99 12.83
N LYS B 311 14.77 0.70 12.64
CA LYS B 311 15.79 -0.36 12.68
C LYS B 311 15.92 -1.09 11.37
N LEU B 312 15.79 -0.37 10.26
CA LEU B 312 15.89 -1.01 8.95
C LEU B 312 17.20 -0.72 8.23
N SER B 313 17.62 -1.65 7.37
CA SER B 313 18.64 -1.31 6.39
C SER B 313 18.00 -0.43 5.32
N ALA B 314 18.80 0.43 4.69
CA ALA B 314 18.31 1.27 3.62
C ALA B 314 17.73 0.39 2.51
N LEU B 315 16.58 0.80 1.98
CA LEU B 315 15.87 -0.03 1.00
C LEU B 315 16.35 0.28 -0.39
N THR B 316 16.80 -0.75 -1.11
CA THR B 316 17.32 -0.58 -2.47
C THR B 316 16.60 -1.47 -3.49
N PHE B 317 16.69 -1.12 -4.76
CA PHE B 317 16.04 -1.87 -5.82
C PHE B 317 16.99 -2.00 -6.99
N ALA B 318 16.84 -3.06 -7.78
CA ALA B 318 17.63 -3.24 -9.02
C ALA B 318 16.88 -4.16 -9.97
N ALA B 319 17.22 -4.04 -11.25
CA ALA B 319 16.66 -4.91 -12.28
C ALA B 319 17.47 -6.21 -12.30
N PRO B 320 16.79 -7.37 -12.41
CA PRO B 320 17.43 -8.70 -12.43
C PRO B 320 18.24 -8.85 -13.72
N ASP B 321 19.47 -9.31 -13.58
CA ASP B 321 20.32 -9.55 -14.75
C ASP B 321 20.13 -11.03 -15.13
N TYR B 322 19.55 -11.30 -16.30
CA TYR B 322 19.33 -12.67 -16.73
C TYR B 322 20.58 -13.52 -16.96
N ASP B 323 21.75 -12.89 -17.07
CA ASP B 323 23.01 -13.63 -17.18
C ASP B 323 23.35 -14.17 -15.81
N ARG B 324 22.94 -13.42 -14.77
CA ARG B 324 23.10 -13.86 -13.39
C ARG B 324 21.98 -14.84 -12.92
N TYR B 325 20.77 -14.66 -13.46
CA TYR B 325 19.61 -15.47 -13.08
C TYR B 325 18.91 -16.06 -14.29
N PRO B 326 19.60 -16.94 -15.06
CA PRO B 326 18.94 -17.62 -16.20
C PRO B 326 17.63 -18.31 -15.86
N CYS B 327 17.50 -18.81 -14.63
CA CYS B 327 16.28 -19.55 -14.23
C CYS B 327 15.10 -18.63 -14.24
N LEU B 328 15.31 -17.37 -13.89
CA LEU B 328 14.17 -16.41 -13.90
C LEU B 328 13.61 -16.25 -15.31
N LYS B 329 14.51 -16.07 -16.28
CA LYS B 329 14.16 -15.99 -17.71
C LYS B 329 13.54 -17.26 -18.21
N LEU B 330 14.08 -18.40 -17.79
CA LEU B 330 13.52 -19.70 -18.22
C LEU B 330 12.04 -19.83 -17.81
N ALA B 331 11.73 -19.44 -16.57
CA ALA B 331 10.36 -19.48 -16.07
C ALA B 331 9.42 -18.60 -16.85
N MET B 332 9.85 -17.37 -17.16
CA MET B 332 9.08 -16.45 -17.95
C MET B 332 8.76 -17.04 -19.33
N GLU B 333 9.77 -17.59 -19.98
CA GLU B 333 9.59 -18.23 -21.29
C GLU B 333 8.72 -19.46 -21.21
N ALA B 334 8.91 -20.27 -20.16
CA ALA B 334 8.10 -21.48 -19.94
C ALA B 334 6.62 -21.15 -19.86
N PHE B 335 6.28 -20.07 -19.13
CA PHE B 335 4.89 -19.63 -19.02
C PHE B 335 4.24 -19.48 -20.39
N GLU B 336 4.97 -18.86 -21.32
CA GLU B 336 4.52 -18.62 -22.69
C GLU B 336 4.27 -19.93 -23.43
N GLN B 337 5.07 -20.95 -23.13
CA GLN B 337 4.91 -22.26 -23.75
C GLN B 337 3.77 -23.07 -23.18
N GLY B 338 3.31 -22.78 -21.96
CA GLY B 338 2.10 -23.42 -21.44
C GLY B 338 2.34 -24.23 -20.18
N GLN B 339 1.30 -24.88 -19.66
CA GLN B 339 1.39 -25.64 -18.37
C GLN B 339 2.32 -26.84 -18.45
N ALA B 340 2.52 -27.38 -19.65
CA ALA B 340 3.45 -28.51 -19.83
C ALA B 340 4.87 -28.01 -19.53
N ALA B 341 5.23 -26.86 -20.09
CA ALA B 341 6.54 -26.29 -19.83
C ALA B 341 6.78 -25.86 -18.36
N THR B 342 5.78 -25.21 -17.76
CA THR B 342 5.93 -24.77 -16.36
C THR B 342 6.05 -25.98 -15.42
N THR B 343 5.21 -26.99 -15.67
CA THR B 343 5.26 -28.23 -14.90
C THR B 343 6.59 -28.91 -15.02
N ALA B 344 7.08 -28.99 -16.26
CA ALA B 344 8.37 -29.64 -16.54
C ALA B 344 9.54 -28.87 -15.88
N LEU B 345 9.47 -27.54 -15.93
CA LEU B 345 10.50 -26.73 -15.32
C LEU B 345 10.53 -26.98 -13.81
N ASN B 346 9.38 -26.92 -13.18
CA ASN B 346 9.28 -27.09 -11.72
C ASN B 346 9.81 -28.47 -11.29
N ALA B 347 9.41 -29.49 -12.03
CA ALA B 347 9.84 -30.88 -11.77
C ALA B 347 11.35 -31.05 -11.98
N ALA B 348 11.85 -30.55 -13.10
CA ALA B 348 13.29 -30.58 -13.45
C ALA B 348 14.08 -29.88 -12.37
N ASN B 349 13.56 -28.75 -11.91
CA ASN B 349 14.27 -27.95 -10.92
C ASN B 349 14.42 -28.67 -9.58
N GLU B 350 13.40 -29.43 -9.20
CA GLU B 350 13.50 -30.23 -7.96
C GLU B 350 14.66 -31.21 -8.08
N ILE B 351 14.76 -31.84 -9.25
CA ILE B 351 15.79 -32.84 -9.53
C ILE B 351 17.20 -32.23 -9.54
N THR B 352 17.37 -31.12 -10.26
CA THR B 352 18.68 -30.46 -10.37
C THR B 352 19.14 -29.81 -9.09
N VAL B 353 18.23 -29.16 -8.34
CA VAL B 353 18.57 -28.60 -7.03
C VAL B 353 18.98 -29.72 -6.06
N ALA B 354 18.21 -30.80 -5.99
CA ALA B 354 18.59 -31.94 -5.15
C ALA B 354 19.99 -32.48 -5.54
N ALA B 355 20.28 -32.58 -6.82
CA ALA B 355 21.58 -33.04 -7.31
C ALA B 355 22.70 -32.04 -6.91
N PHE B 356 22.40 -30.74 -6.99
CA PHE B 356 23.36 -29.73 -6.55
C PHE B 356 23.71 -29.86 -5.08
N LEU B 357 22.66 -29.96 -4.24
CA LEU B 357 22.80 -30.15 -2.82
C LEU B 357 23.56 -31.45 -2.47
N ALA B 358 23.42 -32.48 -3.31
CA ALA B 358 24.13 -33.75 -3.13
C ALA B 358 25.50 -33.71 -3.78
N GLN B 359 25.96 -32.51 -4.15
CA GLN B 359 27.25 -32.32 -4.80
C GLN B 359 27.45 -33.18 -6.05
N GLN B 360 26.38 -33.45 -6.79
CA GLN B 360 26.50 -34.21 -8.04
C GLN B 360 26.72 -33.30 -9.24
N ILE B 361 26.36 -32.02 -9.08
CA ILE B 361 26.47 -31.05 -10.16
C ILE B 361 26.84 -29.72 -9.52
N ARG B 362 27.27 -28.79 -10.36
CA ARG B 362 27.63 -27.45 -9.93
C ARG B 362 26.41 -26.53 -9.84
N PHE B 363 26.58 -25.44 -9.09
CA PHE B 363 25.52 -24.42 -8.94
C PHE B 363 24.96 -23.95 -10.28
N THR B 364 25.86 -23.62 -11.21
CA THR B 364 25.47 -23.19 -12.57
C THR B 364 24.88 -24.28 -13.47
N ASP B 365 25.04 -25.56 -13.10
CA ASP B 365 24.42 -26.65 -13.83
C ASP B 365 22.91 -26.72 -13.62
N ILE B 366 22.42 -26.18 -12.51
CA ILE B 366 20.99 -26.14 -12.23
C ILE B 366 20.27 -25.47 -13.40
N ALA B 367 20.61 -24.23 -13.71
CA ALA B 367 19.95 -23.58 -14.84
C ALA B 367 20.22 -24.28 -16.17
N ALA B 368 21.46 -24.71 -16.38
CA ALA B 368 21.83 -25.38 -17.65
C ALA B 368 21.00 -26.67 -17.86
N LEU B 369 20.88 -27.51 -16.84
CA LEU B 369 20.10 -28.76 -16.97
C LEU B 369 18.60 -28.51 -17.00
N ASN B 370 18.12 -27.50 -16.25
CA ASN B 370 16.69 -27.11 -16.35
C ASN B 370 16.32 -26.77 -17.79
N LEU B 371 17.21 -26.05 -18.48
CA LEU B 371 17.01 -25.68 -19.90
C LEU B 371 17.03 -26.94 -20.78
N SER B 372 18.04 -27.77 -20.53
CA SER B 372 18.23 -28.99 -21.27
C SER B 372 16.98 -29.85 -21.23
N VAL B 373 16.36 -30.01 -20.04
CA VAL B 373 15.11 -30.79 -19.92
C VAL B 373 13.97 -30.23 -20.74
N LEU B 374 13.79 -28.91 -20.67
CA LEU B 374 12.70 -28.27 -21.38
C LEU B 374 12.89 -28.41 -22.92
N GLU B 375 14.13 -28.31 -23.38
CA GLU B 375 14.48 -28.45 -24.80
C GLU B 375 14.18 -29.87 -25.26
N LYS B 376 14.55 -30.85 -24.44
CA LYS B 376 14.41 -32.26 -24.78
C LYS B 376 12.97 -32.74 -24.79
N MET B 377 12.09 -32.08 -24.05
CA MET B 377 10.77 -32.62 -23.84
C MET B 377 9.72 -32.33 -24.91
N ASP B 378 9.16 -31.12 -24.88
CA ASP B 378 8.01 -30.78 -25.71
C ASP B 378 6.83 -31.78 -25.50
N MET B 379 6.01 -31.51 -24.48
CA MET B 379 4.80 -32.30 -24.25
C MET B 379 3.59 -31.39 -24.60
N ARG B 380 2.41 -32.00 -24.80
CA ARG B 380 1.21 -31.23 -25.15
C ARG B 380 0.56 -30.63 -23.92
N GLU B 381 -0.13 -29.50 -24.09
CA GLU B 381 -0.85 -28.84 -22.99
C GLU B 381 -1.74 -29.79 -22.16
N PRO B 382 -1.46 -29.91 -20.85
CA PRO B 382 -2.28 -30.76 -19.98
C PRO B 382 -3.75 -30.33 -19.95
N GLN B 383 -4.64 -31.31 -19.84
CA GLN B 383 -6.08 -31.09 -19.94
C GLN B 383 -6.77 -31.46 -18.63
N CYS B 384 -6.01 -32.11 -17.74
CA CYS B 384 -6.50 -32.54 -16.43
C CYS B 384 -5.30 -32.78 -15.52
N VAL B 385 -5.58 -32.98 -14.25
CA VAL B 385 -4.52 -33.22 -13.26
C VAL B 385 -3.67 -34.45 -13.59
N ASP B 386 -4.28 -35.50 -14.12
CA ASP B 386 -3.52 -36.69 -14.54
C ASP B 386 -2.49 -36.40 -15.62
N ASP B 387 -2.85 -35.54 -16.57
CA ASP B 387 -1.93 -35.04 -17.55
C ASP B 387 -0.77 -34.29 -16.93
N VAL B 388 -1.06 -33.38 -16.01
CA VAL B 388 0.04 -32.70 -15.30
C VAL B 388 0.93 -33.68 -14.57
N LEU B 389 0.34 -34.65 -13.87
CA LEU B 389 1.12 -35.63 -13.10
C LEU B 389 2.03 -36.40 -14.04
N SER B 390 1.55 -36.63 -15.26
CA SER B 390 2.33 -37.36 -16.25
C SER B 390 3.51 -36.54 -16.73
N VAL B 391 3.29 -35.24 -17.03
CA VAL B 391 4.39 -34.35 -17.44
C VAL B 391 5.43 -34.30 -16.31
N ASP B 392 4.96 -34.11 -15.07
CA ASP B 392 5.83 -34.05 -13.93
C ASP B 392 6.75 -35.28 -13.82
N ALA B 393 6.15 -36.47 -13.89
CA ALA B 393 6.90 -37.75 -13.83
C ALA B 393 7.92 -37.88 -14.97
N ASN B 394 7.48 -37.61 -16.20
CA ASN B 394 8.41 -37.66 -17.33
C ASN B 394 9.57 -36.63 -17.20
N ALA B 395 9.25 -35.39 -16.80
CA ALA B 395 10.31 -34.37 -16.62
C ALA B 395 11.38 -34.75 -15.59
N ARG B 396 10.96 -35.41 -14.51
CA ARG B 396 11.90 -35.86 -13.49
C ARG B 396 12.86 -36.92 -14.03
N GLU B 397 12.33 -37.88 -14.79
CA GLU B 397 13.15 -38.89 -15.41
C GLU B 397 14.17 -38.32 -16.39
N VAL B 398 13.73 -37.40 -17.27
CA VAL B 398 14.64 -36.71 -18.19
C VAL B 398 15.74 -35.99 -17.39
N ALA B 399 15.30 -35.23 -16.39
CA ALA B 399 16.23 -34.53 -15.50
C ALA B 399 17.26 -35.46 -14.79
N ARG B 400 16.79 -36.59 -14.25
CA ARG B 400 17.66 -37.52 -13.54
C ARG B 400 18.73 -38.10 -14.49
N LYS B 401 18.33 -38.38 -15.71
CA LYS B 401 19.28 -38.89 -16.72
C LYS B 401 20.34 -37.82 -17.09
N GLU B 402 19.87 -36.57 -17.21
CA GLU B 402 20.75 -35.42 -17.46
C GLU B 402 21.79 -35.25 -16.37
N VAL B 403 21.35 -35.26 -15.10
CA VAL B 403 22.26 -35.28 -13.96
C VAL B 403 23.26 -36.43 -14.05
N MET B 404 22.76 -37.63 -14.34
CA MET B 404 23.64 -38.82 -14.36
C MET B 404 24.70 -38.70 -15.44
N ARG B 405 24.32 -38.25 -16.65
CA ARG B 405 25.23 -38.04 -17.80
C ARG B 405 26.34 -37.08 -17.42
N LEU B 406 25.90 -35.96 -16.84
CA LEU B 406 26.78 -34.87 -16.44
C LEU B 406 27.77 -35.36 -15.39
N ALA B 407 27.26 -35.93 -14.30
CA ALA B 407 28.10 -36.50 -13.24
C ALA B 407 28.83 -37.79 -13.70
N SER B 408 28.37 -38.35 -14.82
CA SER B 408 28.97 -39.51 -15.50
C SER B 408 30.23 -39.11 -16.29
C1 SYD C . 11.03 14.74 -3.66
C2 SYD C . 10.24 15.39 -2.68
C3 SYD C . 10.85 15.74 -1.46
C4 SYD C . 12.20 15.46 -1.14
C5 SYD C . 12.98 14.78 -2.11
C6 SYD C . 12.39 14.44 -3.35
C12 SYD C . 10.06 16.45 -0.52
C13 SYD C . 8.70 16.18 -0.38
N14 SYD C . 7.96 16.91 0.44
C15 SYD C . 8.52 17.87 1.19
C16 SYD C . 9.87 18.20 1.11
C17 SYD C . 10.66 17.47 0.24
C21 SYD C . 7.65 18.61 2.16
P22 SYD C . 7.63 17.87 3.80
O25 SYD C . 6.74 18.67 4.77
O26 SYD C . 9.14 17.92 4.41
O27 SYD C . 7.35 16.32 3.79
PA NDP D . -2.02 28.88 -4.63
O1A NDP D . -1.50 30.02 -3.84
O2A NDP D . -1.19 28.40 -5.76
O5B NDP D . -3.51 29.12 -5.15
C5B NDP D . -4.50 29.70 -4.33
C4B NDP D . -5.78 29.78 -5.16
O4B NDP D . -6.77 30.39 -4.36
C3B NDP D . -5.61 30.68 -6.40
O3B NDP D . -6.46 30.26 -7.46
C2B NDP D . -6.09 32.03 -5.88
O2B NDP D . -6.61 32.83 -6.91
C1B NDP D . -7.25 31.55 -5.02
N9A NDP D . -7.73 32.47 -4.02
C8A NDP D . -7.03 33.18 -3.08
N7A NDP D . -7.93 33.87 -2.34
C5A NDP D . -9.17 33.59 -2.78
C6A NDP D . -10.44 34.02 -2.41
N6A NDP D . -10.58 34.92 -1.44
N1A NDP D . -11.54 33.54 -3.08
C2A NDP D . -11.40 32.66 -4.14
N3A NDP D . -10.13 32.26 -4.51
C4A NDP D . -9.06 32.72 -3.85
O3 NDP D . -2.13 27.66 -3.56
PN NDP D . -2.01 26.08 -3.87
O1N NDP D . -0.54 25.73 -3.77
O2N NDP D . -2.79 25.66 -5.07
O5D NDP D . -2.68 25.53 -2.53
C5D NDP D . -4.09 25.54 -2.30
C4D NDP D . -4.34 24.97 -0.92
O4D NDP D . -3.97 23.60 -0.97
C3D NDP D . -3.53 25.62 0.20
O3D NDP D . -4.30 25.75 1.39
C2D NDP D . -2.36 24.66 0.39
O2D NDP D . -1.86 24.64 1.70
C1D NDP D . -2.99 23.31 0.03
N1N NDP D . -2.05 22.25 -0.43
C2N NDP D . -1.11 22.54 -1.40
C3N NDP D . -0.32 21.56 -1.97
C7N NDP D . 0.69 21.94 -3.02
O7N NDP D . 1.57 20.95 -3.44
N7N NDP D . 0.74 23.17 -3.54
C4N NDP D . -0.44 20.10 -1.56
C5N NDP D . -1.51 19.90 -0.51
C6N NDP D . -2.25 20.96 0.00
P2B NDP D . -5.71 33.91 -7.72
O1X NDP D . -4.32 33.34 -7.93
O2X NDP D . -6.46 34.02 -9.03
O3X NDP D . -5.61 35.19 -6.96
C1 SYD E . 14.30 -11.16 5.52
C2 SYD E . 13.88 -11.97 4.45
C3 SYD E . 14.66 -12.04 3.27
C4 SYD E . 15.86 -11.29 3.11
C5 SYD E . 16.26 -10.46 4.19
C6 SYD E . 15.47 -10.40 5.35
C12 SYD E . 14.25 -12.87 2.24
C13 SYD E . 12.90 -13.03 1.90
N14 SYD E . 12.59 -13.92 0.96
C15 SYD E . 13.54 -14.55 0.23
C16 SYD E . 14.88 -14.44 0.56
C17 SYD E . 15.24 -13.55 1.54
C21 SYD E . 13.18 -15.50 -0.92
P22 SYD E . 13.11 -14.66 -2.55
O25 SYD E . 12.56 -15.56 -3.66
O26 SYD E . 14.57 -14.27 -2.87
O27 SYD E . 12.46 -13.25 -2.41
PA NDP F . 6.27 -28.41 4.75
O1A NDP F . 7.12 -29.36 4.05
O2A NDP F . 6.84 -27.86 6.00
O5B NDP F . 4.86 -29.08 5.07
C5B NDP F . 4.18 -29.85 4.12
C4B NDP F . 2.92 -30.39 4.77
O4B NDP F . 2.31 -31.25 3.83
C3B NDP F . 3.20 -31.25 6.03
O3B NDP F . 2.13 -31.12 6.97
C2B NDP F . 3.23 -32.65 5.45
O2B NDP F . 2.87 -33.63 6.37
C1B NDP F . 2.12 -32.54 4.42
N9A NDP F . 2.07 -33.57 3.37
C8A NDP F . 3.09 -34.03 2.56
N7A NDP F . 2.58 -34.95 1.70
C5A NDP F . 1.26 -35.06 1.95
C6A NDP F . 0.25 -35.85 1.41
N6A NDP F . 0.53 -36.75 0.46
N1A NDP F . -1.03 -35.73 1.88
C2A NDP F . -1.34 -34.88 2.92
N3A NDP F . -0.35 -34.12 3.49
C4A NDP F . 0.92 -34.20 3.01
O3 NDP F . 5.98 -27.26 3.65
PN NDP F . 5.57 -25.71 3.91
O1N NDP F . 6.79 -24.88 4.00
O2N NDP F . 4.48 -25.60 4.89
O5D NDP F . 4.96 -25.37 2.48
C5D NDP F . 3.70 -25.86 2.09
C4D NDP F . 3.37 -25.36 0.70
O4D NDP F . 3.34 -23.94 0.74
C3D NDP F . 4.44 -25.77 -0.32
O3D NDP F . 3.81 -26.08 -1.54
C2D NDP F . 5.32 -24.50 -0.40
O2D NDP F . 5.98 -24.36 -1.63
C1D NDP F . 4.31 -23.39 -0.14
N1N NDP F . 4.84 -22.10 0.41
C2N NDP F . 5.66 -22.09 1.50
C3N NDP F . 5.98 -20.91 2.16
C7N NDP F . 6.89 -20.95 3.35
O7N NDP F . 7.47 -19.74 3.77
N7N NDP F . 7.15 -22.10 3.97
C4N NDP F . 5.42 -19.57 1.71
C5N NDP F . 4.50 -19.71 0.53
C6N NDP F . 4.29 -20.95 -0.09
P2B NDP F . 3.93 -34.33 7.36
O1X NDP F . 5.02 -33.36 7.79
O2X NDP F . 3.12 -34.79 8.54
O3X NDP F . 4.45 -35.55 6.67
#